data_9EJH
#
_entry.id   9EJH
#
_cell.length_a   92.974
_cell.length_b   43.272
_cell.length_c   257.958
_cell.angle_alpha   90.000
_cell.angle_beta   90.312
_cell.angle_gamma   90.000
#
_symmetry.space_group_name_H-M   'I 1 2 1'
#
loop_
_entity.id
_entity.type
_entity.pdbx_description
1 polymer 'HLA class II histocompatibility antigen, DQ alpha 1 chain'
2 polymer 'MHC class II HLA-DQ-beta-1'
3 polymer 'HLA class II histocompatibility antigen gamma chain'
4 polymer 'G9 T cell receptor alpha chain'
5 polymer 'G9 T cell receptor beta chain'
6 non-polymer 2-acetamido-2-deoxy-beta-D-glucopyranose
7 non-polymer 'ACETATE ION'
8 non-polymer GLYCEROL
9 water water
#
loop_
_entity_poly.entity_id
_entity_poly.type
_entity_poly.pdbx_seq_one_letter_code
_entity_poly.pdbx_strand_id
1 'polypeptide(L)'
;EDIVADHVASYGVNLYQSYGPSGQYTHEFDGDEQFYVDLGRKETVWSLPVLRQFRFDPQFALTNIAVLKHNLNSLIKRSN
STAATNEVPEVTVFSKSPVTLGQPNILICLVDNIFPPVVNITWLSNGHSVTEGVSETSFLSKSDHSFFKISYLTLLPSAE
ESYDCKVEHWGLDKPLLKHWEPE
;
A
2 'polypeptide(L)'
;RDSPEDFVYQFKGMCYFTNGTERVRLVSRSIYNREEIVRFDSDVGEFRAVTLLGLPAAEYWNSQKDILERKRAAVDRVCR
HNYQLELRTTLQRRVEPTVTISPSRTEALNHHNLLVCSVTDFYPAQIKVRWFRNDQEETAGVVSTPLIRNGDWTFQILVM
LEMTPQRGDVYTCHVEHPSLQSPITVEWRAQSTG
;
B
3 'polypeptide(L)' ATPLLMQALPMGA C
4 'polypeptide(L)'
;MQRKEVEQDPGPFNVPEGATVAFNCTYSNSASQSFFWYRQDCRKEPKLLMSVYSSGNEDGRFTAQLNRASQYISLLIRDS
KLSDSATYLCVVMGFQKLVFGTGTRLLVSPNIQNPDPAVYQLRDSKSSDKSVCLFTDFDSQTNVSQSKDSDVYITDKCVL
DMRSMDFKSNSAVAWSNKSDFACANAFNNSIIPEDTFFPSPESS
;
D
5 'polypeptide(L)'
;MGVTQTPRYLIKTRGQQVTLSCSPISGHRSVSWYQQTPGQGLQFLFEYFSETQRNKGNFPGRFSGRQFSNSRSEMNVSTL
ELGDSALYLCASSLRAESGELFFGEGSRLTVLEDLNKVFPPEVAVFEPSEAEISHTQKATLVCLATGFFPDHVELSWWVN
GKEVHSGVCTDPQPLKEQPALNDSRYALSSRLRVSATFWQNPRNHFRCQVQFYGLSENDEWTQDRAKPVTQIVSAEAWGR
AD
;
E
#
loop_
_chem_comp.id
_chem_comp.type
_chem_comp.name
_chem_comp.formula
ACT non-polymer 'ACETATE ION' 'C2 H3 O2 -1'
GOL non-polymer GLYCEROL 'C3 H8 O3'
NAG D-saccharide, beta linking 2-acetamido-2-deoxy-beta-D-glucopyranose 'C8 H15 N O6'
#
# COMPACT_ATOMS: atom_id res chain seq x y z
N GLU A 1 4.52 18.18 6.71
CA GLU A 1 3.08 18.00 6.85
C GLU A 1 2.52 17.30 5.62
N ASP A 2 2.92 16.04 5.43
CA ASP A 2 2.59 15.34 4.19
C ASP A 2 1.10 15.05 4.08
N ILE A 3 0.45 14.68 5.19
CA ILE A 3 -0.99 14.38 5.14
C ILE A 3 -1.76 15.66 4.85
N VAL A 4 -2.63 15.60 3.83
CA VAL A 4 -3.43 16.75 3.41
C VAL A 4 -4.82 16.63 4.04
N ALA A 5 -5.27 17.71 4.66
CA ALA A 5 -6.57 17.75 5.31
C ALA A 5 -7.05 19.20 5.38
N ASP A 6 -8.36 19.35 5.53
CA ASP A 6 -8.92 20.68 5.76
C ASP A 6 -8.47 21.21 7.12
N HIS A 7 -8.46 20.36 8.13
CA HIS A 7 -8.11 20.77 9.48
C HIS A 7 -7.26 19.69 10.13
N VAL A 8 -6.27 20.13 10.90
CA VAL A 8 -5.37 19.24 11.63
C VAL A 8 -5.36 19.68 13.09
N ALA A 9 -5.51 18.71 13.99
CA ALA A 9 -5.50 18.99 15.41
C ALA A 9 -4.57 18.02 16.12
N SER A 10 -4.05 18.47 17.26
CA SER A 10 -3.28 17.63 18.17
C SER A 10 -3.99 17.62 19.52
N TYR A 11 -4.48 16.46 19.92
CA TYR A 11 -5.18 16.27 21.19
C TYR A 11 -4.45 15.17 21.99
N GLY A 12 -3.26 15.48 22.50
CA GLY A 12 -2.59 16.75 22.33
C GLY A 12 -1.14 16.56 21.95
N VAL A 13 -0.34 17.60 22.16
CA VAL A 13 1.11 17.51 22.02
C VAL A 13 1.69 17.24 23.40
N ASN A 14 2.31 16.08 23.56
CA ASN A 14 2.93 15.66 24.82
C ASN A 14 4.44 15.69 24.65
N LEU A 15 5.11 16.48 25.50
CA LEU A 15 6.56 16.65 25.41
C LEU A 15 7.18 16.38 26.77
N TYR A 16 8.30 15.67 26.78
CA TYR A 16 9.09 15.49 27.98
C TYR A 16 10.56 15.36 27.58
N GLN A 17 11.44 16.08 28.28
CA GLN A 17 12.86 16.06 28.01
C GLN A 17 13.65 15.86 29.30
N SER A 18 14.85 15.30 29.16
CA SER A 18 15.70 15.04 30.33
C SER A 18 16.24 16.34 30.92
N TYR A 19 16.64 17.29 30.08
CA TYR A 19 17.15 18.56 30.58
C TYR A 19 16.06 19.32 31.31
N GLY A 20 16.30 19.63 32.57
CA GLY A 20 15.30 20.22 33.43
C GLY A 20 15.20 19.45 34.73
N PRO A 21 14.49 18.30 34.70
CA PRO A 21 13.72 17.80 33.56
C PRO A 21 12.38 18.54 33.42
N SER A 22 11.89 18.68 32.20
CA SER A 22 10.70 19.47 31.95
C SER A 22 9.77 18.76 30.97
N GLY A 23 8.48 19.07 31.08
CA GLY A 23 7.49 18.55 30.17
C GLY A 23 6.56 19.66 29.71
N GLN A 24 5.75 19.34 28.71
CA GLN A 24 4.76 20.28 28.21
C GLN A 24 3.57 19.50 27.68
N TYR A 25 2.37 20.00 27.98
CA TYR A 25 1.13 19.44 27.46
C TYR A 25 0.30 20.56 26.89
N THR A 26 -0.06 20.44 25.60
CA THR A 26 -0.90 21.42 24.94
C THR A 26 -1.85 20.71 23.99
N HIS A 27 -2.89 21.42 23.57
CA HIS A 27 -3.68 21.05 22.42
C HIS A 27 -3.52 22.11 21.35
N GLU A 28 -3.54 21.67 20.10
CA GLU A 28 -3.38 22.56 18.96
C GLU A 28 -4.50 22.29 17.96
N PHE A 29 -5.03 23.36 17.38
CA PHE A 29 -5.99 23.24 16.28
C PHE A 29 -5.54 24.14 15.14
N ASP A 30 -5.32 23.53 13.97
CA ASP A 30 -4.78 24.23 12.80
C ASP A 30 -3.54 25.04 13.17
N GLY A 31 -2.66 24.44 13.97
CA GLY A 31 -1.37 25.02 14.26
C GLY A 31 -1.35 26.09 15.33
N ASP A 32 -2.47 26.34 16.00
CA ASP A 32 -2.52 27.33 17.06
C ASP A 32 -2.77 26.64 18.40
N GLU A 33 -2.23 27.24 19.45
CA GLU A 33 -2.33 26.65 20.79
C GLU A 33 -3.70 26.92 21.39
N GLN A 34 -4.46 25.86 21.65
CA GLN A 34 -5.74 26.00 22.31
C GLN A 34 -5.58 26.22 23.81
N PHE A 35 -4.67 25.46 24.44
CA PHE A 35 -4.38 25.62 25.86
C PHE A 35 -3.11 24.85 26.16
N TYR A 36 -2.50 25.19 27.29
CA TYR A 36 -1.47 24.37 27.90
C TYR A 36 -1.89 24.06 29.33
N VAL A 37 -1.39 22.94 29.85
CA VAL A 37 -1.58 22.61 31.25
C VAL A 37 -0.31 22.99 32.00
N ASP A 38 -0.45 23.85 32.99
CA ASP A 38 0.65 24.17 33.88
C ASP A 38 0.91 22.95 34.75
N LEU A 39 1.99 22.21 34.44
CA LEU A 39 2.23 20.96 35.13
C LEU A 39 2.63 21.21 36.59
N GLY A 40 3.39 22.27 36.85
CA GLY A 40 3.74 22.59 38.22
C GLY A 40 2.55 23.02 39.05
N ARG A 41 1.69 23.87 38.50
CA ARG A 41 0.53 24.39 39.22
C ARG A 41 -0.72 23.55 39.05
N LYS A 42 -0.70 22.55 38.16
CA LYS A 42 -1.85 21.68 37.91
C LYS A 42 -3.08 22.50 37.51
N GLU A 43 -2.89 23.42 36.56
CA GLU A 43 -3.95 24.30 36.10
C GLU A 43 -4.01 24.32 34.58
N THR A 44 -5.22 24.35 34.03
CA THR A 44 -5.43 24.45 32.59
C THR A 44 -5.54 25.92 32.20
N VAL A 45 -4.67 26.36 31.29
CA VAL A 45 -4.58 27.76 30.88
C VAL A 45 -5.05 27.87 29.43
N TRP A 46 -6.28 28.33 29.23
CA TRP A 46 -6.82 28.49 27.89
C TRP A 46 -6.20 29.70 27.19
N SER A 47 -5.83 29.51 25.93
CA SER A 47 -5.16 30.54 25.15
C SER A 47 -6.11 31.34 24.27
N LEU A 48 -7.33 30.86 24.05
CA LEU A 48 -8.33 31.58 23.28
C LEU A 48 -9.53 31.80 24.18
N PRO A 49 -9.99 33.03 24.38
CA PRO A 49 -11.00 33.29 25.43
C PRO A 49 -12.28 32.50 25.26
N VAL A 50 -12.71 32.20 24.03
CA VAL A 50 -13.95 31.48 23.84
C VAL A 50 -13.85 30.04 24.34
N LEU A 51 -12.62 29.51 24.46
CA LEU A 51 -12.45 28.15 24.95
C LEU A 51 -12.54 28.05 26.46
N ARG A 52 -12.60 29.17 27.18
CA ARG A 52 -12.65 29.12 28.64
C ARG A 52 -13.96 28.53 29.15
N GLN A 53 -14.98 28.45 28.30
CA GLN A 53 -16.21 27.78 28.69
C GLN A 53 -16.00 26.30 28.93
N PHE A 54 -14.94 25.72 28.39
CA PHE A 54 -14.65 24.31 28.54
C PHE A 54 -13.88 24.06 29.84
N ARG A 55 -13.94 22.82 30.30
CA ARG A 55 -13.19 22.35 31.45
C ARG A 55 -12.34 21.17 31.01
N PHE A 56 -11.05 21.19 31.35
CA PHE A 56 -10.14 20.10 31.01
C PHE A 56 -9.34 19.74 32.25
N ASP A 57 -9.64 18.59 32.83
CA ASP A 57 -8.99 18.10 34.03
C ASP A 57 -7.48 18.01 33.81
N PRO A 58 -6.69 18.86 34.46
CA PRO A 58 -5.23 18.82 34.24
C PRO A 58 -4.57 17.54 34.73
N GLN A 59 -5.30 16.66 35.42
CA GLN A 59 -4.71 15.40 35.84
C GLN A 59 -4.44 14.47 34.66
N PHE A 60 -5.28 14.53 33.62
CA PHE A 60 -5.03 13.72 32.44
C PHE A 60 -3.69 14.07 31.79
N ALA A 61 -3.29 15.35 31.85
CA ALA A 61 -2.00 15.75 31.31
C ALA A 61 -0.85 15.22 32.16
N LEU A 62 -0.98 15.32 33.48
CA LEU A 62 0.05 14.82 34.38
C LEU A 62 0.24 13.32 34.23
N THR A 63 -0.86 12.58 34.09
CA THR A 63 -0.76 11.15 33.87
C THR A 63 -0.02 10.84 32.58
N ASN A 64 -0.36 11.56 31.51
CA ASN A 64 0.31 11.36 30.23
C ASN A 64 1.80 11.66 30.31
N ILE A 65 2.16 12.80 30.91
CA ILE A 65 3.57 13.16 30.96
C ILE A 65 4.35 12.13 31.78
N ALA A 66 3.73 11.61 32.85
CA ALA A 66 4.39 10.59 33.65
C ALA A 66 4.68 9.33 32.82
N VAL A 67 3.80 9.00 31.89
CA VAL A 67 4.06 7.89 30.97
C VAL A 67 5.23 8.23 30.06
N LEU A 68 5.30 9.48 29.59
CA LEU A 68 6.42 9.90 28.75
C LEU A 68 7.74 9.79 29.49
N LYS A 69 7.76 10.16 30.78
CA LYS A 69 8.98 10.01 31.56
C LYS A 69 9.44 8.56 31.61
N HIS A 70 8.49 7.65 31.85
CA HIS A 70 8.81 6.22 31.87
C HIS A 70 9.33 5.76 30.51
N ASN A 71 8.61 6.10 29.44
CA ASN A 71 9.02 5.65 28.11
C ASN A 71 10.35 6.25 27.70
N LEU A 72 10.58 7.51 28.04
CA LEU A 72 11.84 8.14 27.66
C LEU A 72 13.04 7.43 28.29
N ASN A 73 12.90 7.00 29.55
CA ASN A 73 13.97 6.25 30.21
C ASN A 73 14.27 4.95 29.46
N SER A 74 13.23 4.24 29.03
CA SER A 74 13.42 3.00 28.29
C SER A 74 14.17 3.23 26.99
N LEU A 75 13.85 4.32 26.29
CA LEU A 75 14.42 4.55 24.97
C LEU A 75 15.85 5.08 25.04
N ILE A 76 16.21 5.79 26.11
CA ILE A 76 17.61 6.20 26.29
C ILE A 76 18.50 4.98 26.42
N LYS A 77 18.02 3.95 27.12
CA LYS A 77 18.76 2.69 27.20
C LYS A 77 18.78 1.98 25.86
N ARG A 78 17.62 1.84 25.22
CA ARG A 78 17.52 1.03 24.01
C ARG A 78 18.27 1.65 22.83
N SER A 79 18.44 2.96 22.82
CA SER A 79 19.15 3.65 21.74
C SER A 79 20.62 3.86 22.06
N ASN A 80 21.13 3.21 23.10
CA ASN A 80 22.51 3.41 23.57
C ASN A 80 22.81 4.90 23.80
N SER A 81 21.85 5.59 24.42
CA SER A 81 22.01 6.98 24.83
C SER A 81 22.23 7.90 23.63
N THR A 82 21.37 7.76 22.63
CA THR A 82 21.39 8.65 21.47
C THR A 82 20.72 9.96 21.84
N ALA A 83 21.49 11.04 21.91
CA ALA A 83 20.97 12.31 22.39
C ALA A 83 20.44 13.17 21.23
N ALA A 84 19.72 14.21 21.59
CA ALA A 84 19.14 15.10 20.59
C ALA A 84 20.22 15.88 19.87
N THR A 85 19.93 16.25 18.62
CA THR A 85 20.82 17.05 17.81
C THR A 85 20.34 18.49 17.82
N ASN A 86 21.25 19.42 18.11
CA ASN A 86 20.89 20.84 18.16
C ASN A 86 20.74 21.37 16.74
N GLU A 87 19.55 21.87 16.43
CA GLU A 87 19.34 22.55 15.16
C GLU A 87 19.62 24.04 15.33
N VAL A 88 19.85 24.71 14.20
CA VAL A 88 20.05 26.16 14.18
C VAL A 88 18.67 26.80 14.07
N PRO A 89 18.19 27.50 15.10
CA PRO A 89 16.90 28.17 14.98
C PRO A 89 16.97 29.34 14.01
N GLU A 90 15.80 29.70 13.48
CA GLU A 90 15.65 30.88 12.63
C GLU A 90 14.74 31.86 13.34
N VAL A 91 15.17 33.12 13.42
CA VAL A 91 14.50 34.15 14.18
C VAL A 91 14.08 35.28 13.24
N THR A 92 12.84 35.73 13.40
CA THR A 92 12.29 36.83 12.61
C THR A 92 11.48 37.72 13.54
N VAL A 93 11.70 39.03 13.45
CA VAL A 93 10.99 40.01 14.26
C VAL A 93 10.16 40.88 13.33
N PHE A 94 8.91 41.13 13.72
CA PHE A 94 7.99 41.93 12.92
C PHE A 94 6.86 42.41 13.81
N SER A 95 6.13 43.39 13.32
CA SER A 95 5.05 44.00 14.09
C SER A 95 3.71 43.37 13.72
N LYS A 96 2.82 43.33 14.71
CA LYS A 96 1.50 42.76 14.47
C LYS A 96 0.69 43.62 13.50
N SER A 97 0.87 44.93 13.54
CA SER A 97 0.10 45.89 12.77
C SER A 97 1.04 46.82 12.04
N PRO A 98 0.54 47.57 11.06
CA PRO A 98 1.36 48.64 10.47
C PRO A 98 1.77 49.66 11.51
N VAL A 99 3.01 50.13 11.40
CA VAL A 99 3.62 50.96 12.43
C VAL A 99 3.12 52.40 12.30
N THR A 100 2.52 52.91 13.37
CA THR A 100 2.16 54.32 13.47
C THR A 100 2.72 54.86 14.77
N LEU A 101 3.67 55.80 14.67
CA LEU A 101 4.29 56.37 15.85
C LEU A 101 3.24 56.89 16.82
N GLY A 102 3.36 56.47 18.08
CA GLY A 102 2.43 56.86 19.11
C GLY A 102 1.18 56.01 19.22
N GLN A 103 0.93 55.12 18.27
CA GLN A 103 -0.24 54.25 18.33
C GLN A 103 0.14 52.87 18.85
N PRO A 104 -0.68 52.29 19.73
CA PRO A 104 -0.34 50.98 20.31
C PRO A 104 -0.13 49.91 19.25
N ASN A 105 0.88 49.07 19.47
CA ASN A 105 1.21 47.98 18.56
C ASN A 105 1.84 46.85 19.36
N ILE A 106 2.23 45.78 18.66
CA ILE A 106 2.82 44.61 19.28
C ILE A 106 3.98 44.11 18.41
N LEU A 107 5.15 43.95 19.02
CA LEU A 107 6.29 43.34 18.36
C LEU A 107 6.23 41.83 18.52
N ILE A 108 6.48 41.12 17.43
CA ILE A 108 6.36 39.67 17.38
C ILE A 108 7.73 39.10 17.00
N CYS A 109 8.26 38.22 17.83
CA CYS A 109 9.53 37.56 17.58
C CYS A 109 9.27 36.07 17.43
N LEU A 110 9.37 35.58 16.19
CA LEU A 110 9.19 34.17 15.89
C LEU A 110 10.55 33.48 15.93
N VAL A 111 10.68 32.47 16.78
CA VAL A 111 11.83 31.58 16.79
C VAL A 111 11.36 30.26 16.21
N ASP A 112 11.87 29.92 15.02
CA ASP A 112 11.43 28.74 14.30
C ASP A 112 12.55 27.69 14.26
N ASN A 113 12.16 26.47 13.94
CA ASN A 113 13.08 25.33 13.85
C ASN A 113 13.88 25.15 15.14
N ILE A 114 13.16 25.08 16.25
CA ILE A 114 13.77 24.93 17.56
C ILE A 114 13.90 23.43 17.86
N PHE A 115 15.13 22.97 18.08
CA PHE A 115 15.29 21.66 18.68
C PHE A 115 16.68 21.55 19.31
N PRO A 116 16.78 21.05 20.55
CA PRO A 116 15.66 20.64 21.41
C PRO A 116 14.85 21.84 21.94
N PRO A 117 13.66 21.59 22.49
CA PRO A 117 12.85 22.69 23.02
C PRO A 117 13.42 23.30 24.30
N VAL A 118 14.55 24.00 24.17
CA VAL A 118 15.20 24.70 25.27
C VAL A 118 15.72 26.01 24.69
N VAL A 119 15.10 27.13 25.06
CA VAL A 119 15.42 28.40 24.41
C VAL A 119 15.30 29.54 25.42
N ASN A 120 16.06 30.60 25.18
CA ASN A 120 15.93 31.86 25.89
C ASN A 120 15.51 32.94 24.89
N ILE A 121 14.39 33.60 25.16
CA ILE A 121 13.93 34.72 24.34
C ILE A 121 13.77 35.92 25.26
N THR A 122 14.55 36.97 24.98
CA THR A 122 14.55 38.18 25.80
C THR A 122 14.53 39.40 24.90
N TRP A 123 13.69 40.37 25.25
CA TRP A 123 13.59 41.62 24.51
C TRP A 123 14.54 42.66 25.07
N LEU A 124 15.18 43.42 24.18
CA LEU A 124 16.09 44.49 24.56
C LEU A 124 15.60 45.81 23.98
N SER A 125 15.77 46.88 24.74
CA SER A 125 15.56 48.24 24.27
C SER A 125 16.74 49.08 24.72
N ASN A 126 17.54 49.56 23.75
CA ASN A 126 18.75 50.31 24.06
C ASN A 126 19.63 49.56 25.04
N GLY A 127 19.80 48.26 24.80
CA GLY A 127 20.58 47.40 25.66
C GLY A 127 19.91 46.98 26.95
N HIS A 128 18.90 47.73 27.42
CA HIS A 128 18.21 47.38 28.65
C HIS A 128 17.21 46.25 28.38
N SER A 129 17.09 45.35 29.35
CA SER A 129 16.15 44.23 29.22
C SER A 129 14.74 44.72 29.54
N VAL A 130 13.80 44.39 28.66
CA VAL A 130 12.41 44.79 28.82
C VAL A 130 11.60 43.60 29.32
N THR A 131 10.89 43.79 30.42
CA THR A 131 10.09 42.73 31.02
C THR A 131 8.59 43.02 31.01
N GLU A 132 8.20 44.27 31.25
CA GLU A 132 6.78 44.60 31.22
C GLU A 132 6.24 44.51 29.80
N GLY A 133 5.01 43.99 29.68
CA GLY A 133 4.39 43.85 28.37
C GLY A 133 4.98 42.76 27.50
N VAL A 134 5.61 41.75 28.09
CA VAL A 134 6.21 40.65 27.35
C VAL A 134 5.43 39.38 27.66
N SER A 135 5.10 38.63 26.62
CA SER A 135 4.44 37.34 26.77
C SER A 135 4.94 36.43 25.67
N GLU A 136 4.59 35.14 25.78
CA GLU A 136 5.04 34.20 24.77
C GLU A 136 4.11 33.00 24.73
N THR A 137 4.14 32.31 23.59
CA THR A 137 3.44 31.05 23.42
C THR A 137 4.23 29.92 24.08
N SER A 138 3.58 28.77 24.19
CA SER A 138 4.30 27.54 24.50
C SER A 138 5.15 27.12 23.31
N PHE A 139 5.80 25.98 23.44
CA PHE A 139 6.43 25.36 22.28
C PHE A 139 5.36 24.77 21.39
N LEU A 140 5.24 25.27 20.17
CA LEU A 140 4.25 24.82 19.21
C LEU A 140 4.89 23.84 18.24
N SER A 141 4.18 22.74 17.96
CA SER A 141 4.73 21.60 17.24
C SER A 141 4.83 21.89 15.74
N LYS A 142 5.76 21.18 15.10
CA LYS A 142 5.89 21.17 13.65
C LYS A 142 5.93 19.73 13.17
N SER A 143 5.53 19.52 11.93
CA SER A 143 5.39 18.16 11.41
C SER A 143 6.72 17.45 11.26
N ASP A 144 7.84 18.19 11.25
CA ASP A 144 9.15 17.56 11.28
C ASP A 144 9.65 17.36 12.71
N HIS A 145 8.80 17.60 13.71
CA HIS A 145 9.02 17.33 15.13
C HIS A 145 9.98 18.30 15.80
N SER A 146 10.42 19.34 15.09
CA SER A 146 11.02 20.49 15.75
C SER A 146 9.88 21.38 16.28
N PHE A 147 10.25 22.52 16.88
CA PHE A 147 9.27 23.42 17.48
C PHE A 147 9.49 24.85 16.99
N PHE A 148 8.46 25.67 17.21
CA PHE A 148 8.63 27.11 17.13
C PHE A 148 7.97 27.75 18.34
N LYS A 149 8.33 29.01 18.56
CA LYS A 149 7.87 29.73 19.74
C LYS A 149 7.86 31.21 19.39
N ILE A 150 6.83 31.91 19.86
CA ILE A 150 6.60 33.30 19.50
C ILE A 150 6.53 34.12 20.78
N SER A 151 7.35 35.17 20.85
CA SER A 151 7.31 36.10 21.97
C SER A 151 6.73 37.43 21.50
N TYR A 152 6.02 38.09 22.40
CA TYR A 152 5.36 39.35 22.10
C TYR A 152 5.86 40.45 23.03
N LEU A 153 5.85 41.68 22.51
CA LEU A 153 6.21 42.85 23.28
C LEU A 153 5.27 43.98 22.86
N THR A 154 4.29 44.28 23.71
CA THR A 154 3.46 45.46 23.49
C THR A 154 4.31 46.70 23.67
N LEU A 155 4.03 47.72 22.88
CA LEU A 155 4.88 48.90 22.88
C LEU A 155 4.12 50.06 22.25
N LEU A 156 4.66 51.25 22.48
CA LEU A 156 4.27 52.47 21.76
C LEU A 156 5.46 52.87 20.91
N PRO A 157 5.44 52.62 19.60
CA PRO A 157 6.62 52.89 18.77
C PRO A 157 6.93 54.39 18.73
N SER A 158 8.18 54.72 19.07
CA SER A 158 8.66 56.09 19.10
C SER A 158 9.86 56.23 18.18
N ALA A 159 10.07 57.46 17.70
CA ALA A 159 11.04 57.71 16.65
C ALA A 159 12.47 57.41 17.07
N GLU A 160 12.77 57.45 18.38
CA GLU A 160 14.12 57.24 18.88
C GLU A 160 14.17 56.09 19.89
N GLU A 161 13.39 55.04 19.65
CA GLU A 161 13.37 53.86 20.52
C GLU A 161 13.30 52.61 19.65
N SER A 162 14.39 51.85 19.60
CA SER A 162 14.48 50.62 18.82
C SER A 162 14.61 49.42 19.75
N TYR A 163 14.44 48.22 19.19
CA TYR A 163 14.35 47.00 19.97
C TYR A 163 15.13 45.87 19.30
N ASP A 164 15.50 44.89 20.12
CA ASP A 164 16.23 43.70 19.68
C ASP A 164 15.61 42.47 20.33
N CYS A 165 15.33 41.45 19.52
CA CYS A 165 14.95 40.15 20.06
C CYS A 165 16.23 39.33 20.23
N LYS A 166 16.49 38.91 21.47
CA LYS A 166 17.70 38.15 21.81
C LYS A 166 17.30 36.70 22.05
N VAL A 167 17.91 35.78 21.30
CA VAL A 167 17.61 34.36 21.40
C VAL A 167 18.89 33.61 21.71
N GLU A 168 18.81 32.70 22.68
CA GLU A 168 19.94 31.87 23.10
C GLU A 168 19.54 30.41 22.92
N HIS A 169 20.38 29.66 22.20
CA HIS A 169 20.07 28.27 21.92
C HIS A 169 21.37 27.50 21.71
N TRP A 170 21.40 26.26 22.19
CA TRP A 170 22.61 25.43 22.06
C TRP A 170 23.04 25.26 20.61
N GLY A 171 22.10 25.31 19.67
CA GLY A 171 22.46 25.23 18.27
C GLY A 171 23.06 26.50 17.70
N LEU A 172 23.11 27.57 18.51
CA LEU A 172 23.71 28.82 18.09
C LEU A 172 25.12 28.93 18.66
N ASP A 173 26.04 29.46 17.86
CA ASP A 173 27.40 29.72 18.36
C ASP A 173 27.40 30.86 19.36
N LYS A 174 26.68 31.94 19.06
CA LYS A 174 26.54 33.09 19.93
C LYS A 174 25.07 33.46 19.99
N PRO A 175 24.64 34.20 21.01
CA PRO A 175 23.27 34.70 21.03
C PRO A 175 22.97 35.48 19.76
N LEU A 176 21.80 35.24 19.19
CA LEU A 176 21.37 35.90 17.97
C LEU A 176 20.47 37.08 18.32
N LEU A 177 20.74 38.23 17.72
CA LEU A 177 19.95 39.44 17.94
C LEU A 177 19.28 39.84 16.64
N LYS A 178 17.97 40.07 16.71
CA LYS A 178 17.18 40.52 15.56
C LYS A 178 16.65 41.91 15.90
N HIS A 179 17.12 42.91 15.16
CA HIS A 179 16.79 44.30 15.43
C HIS A 179 15.48 44.70 14.75
N TRP A 180 14.79 45.65 15.37
CA TRP A 180 13.57 46.22 14.80
C TRP A 180 13.57 47.72 15.06
N GLU A 181 13.37 48.51 14.01
CA GLU A 181 13.26 49.95 14.12
C GLU A 181 11.98 50.43 13.44
N PRO A 182 11.34 51.48 13.97
CA PRO A 182 10.15 52.05 13.32
C PRO A 182 10.51 53.04 12.22
N SER B 3 27.88 21.86 24.79
CA SER B 3 26.47 22.06 25.11
C SER B 3 25.93 20.87 25.91
N PRO B 4 24.96 21.11 26.79
CA PRO B 4 24.35 20.01 27.53
C PRO B 4 23.67 19.04 26.59
N GLU B 5 23.65 17.77 26.98
CA GLU B 5 22.95 16.75 26.21
C GLU B 5 21.51 16.65 26.67
N ASP B 6 20.60 16.47 25.72
CA ASP B 6 19.18 16.40 26.01
C ASP B 6 18.58 15.18 25.34
N PHE B 7 17.64 14.54 26.03
CA PHE B 7 16.91 13.39 25.50
C PHE B 7 15.44 13.75 25.49
N VAL B 8 14.83 13.71 24.31
CA VAL B 8 13.50 14.26 24.08
C VAL B 8 12.55 13.15 23.66
N TYR B 9 11.36 13.18 24.24
CA TYR B 9 10.26 12.29 23.87
C TYR B 9 9.05 13.15 23.54
N GLN B 10 8.40 12.87 22.41
CA GLN B 10 7.17 13.54 22.03
C GLN B 10 6.09 12.48 21.79
N PHE B 11 4.87 12.80 22.19
CA PHE B 11 3.71 11.99 21.85
C PHE B 11 2.61 12.90 21.30
N LYS B 12 2.21 12.64 20.05
CA LYS B 12 1.25 13.49 19.34
C LYS B 12 0.01 12.67 18.99
N GLY B 13 -1.13 13.03 19.58
CA GLY B 13 -2.39 12.45 19.20
C GLY B 13 -3.14 13.34 18.22
N MET B 14 -3.00 13.06 16.93
CA MET B 14 -3.40 13.98 15.89
C MET B 14 -4.65 13.49 15.16
N CYS B 15 -5.51 14.44 14.79
CA CYS B 15 -6.72 14.17 14.03
C CYS B 15 -6.68 14.96 12.73
N TYR B 16 -7.13 14.34 11.65
CA TYR B 16 -7.24 15.00 10.36
C TYR B 16 -8.69 14.96 9.92
N PHE B 17 -9.20 16.11 9.46
CA PHE B 17 -10.58 16.23 9.04
C PHE B 17 -10.62 16.82 7.64
N THR B 18 -11.46 16.26 6.78
CA THR B 18 -11.69 16.79 5.44
C THR B 18 -13.17 16.70 5.14
N ASN B 19 -13.71 17.76 4.52
CA ASN B 19 -15.13 17.83 4.12
C ASN B 19 -16.04 17.66 5.34
N GLY B 20 -15.86 18.55 6.31
CA GLY B 20 -16.51 18.40 7.58
C GLY B 20 -15.98 17.18 8.31
N THR B 21 -16.85 16.21 8.59
CA THR B 21 -16.43 14.93 9.16
C THR B 21 -16.62 13.79 8.17
N GLU B 22 -16.70 14.08 6.88
CA GLU B 22 -16.80 13.03 5.87
C GLU B 22 -15.59 12.10 5.92
N ARG B 23 -14.39 12.68 5.97
CA ARG B 23 -13.16 11.93 6.17
C ARG B 23 -12.54 12.40 7.49
N VAL B 24 -12.44 11.47 8.45
CA VAL B 24 -11.77 11.73 9.72
C VAL B 24 -10.71 10.66 9.91
N ARG B 25 -9.50 11.08 10.23
CA ARG B 25 -8.37 10.18 10.35
C ARG B 25 -7.60 10.52 11.62
N LEU B 26 -7.25 9.49 12.39
CA LEU B 26 -6.48 9.63 13.60
C LEU B 26 -5.09 9.05 13.36
N VAL B 27 -4.06 9.82 13.68
CA VAL B 27 -2.69 9.33 13.63
C VAL B 27 -2.04 9.67 14.96
N SER B 28 -1.72 8.64 15.74
CA SER B 28 -0.99 8.79 16.99
C SER B 28 0.50 8.52 16.73
N ARG B 29 1.36 9.44 17.17
CA ARG B 29 2.79 9.39 16.86
C ARG B 29 3.63 9.41 18.13
N SER B 30 4.53 8.44 18.24
CA SER B 30 5.51 8.38 19.32
C SER B 30 6.89 8.70 18.73
N ILE B 31 7.55 9.71 19.29
CA ILE B 31 8.75 10.28 18.67
C ILE B 31 9.87 10.31 19.70
N TYR B 32 11.02 9.76 19.34
CA TYR B 32 12.23 9.85 20.15
C TYR B 32 13.14 10.91 19.54
N ASN B 33 13.42 11.96 20.31
CA ASN B 33 14.06 13.17 19.79
C ASN B 33 13.23 13.71 18.64
N ARG B 34 13.72 13.57 17.41
CA ARG B 34 12.96 13.95 16.22
C ARG B 34 12.64 12.76 15.32
N GLU B 35 12.89 11.53 15.79
CA GLU B 35 12.61 10.32 15.04
C GLU B 35 11.27 9.76 15.50
N GLU B 36 10.28 9.74 14.60
CA GLU B 36 9.06 8.99 14.85
C GLU B 36 9.36 7.49 14.80
N ILE B 37 9.04 6.77 15.86
CA ILE B 37 9.39 5.36 15.98
C ILE B 37 8.16 4.46 15.94
N VAL B 38 7.03 4.91 16.50
CA VAL B 38 5.79 4.14 16.50
C VAL B 38 4.66 5.05 16.05
N ARG B 39 3.71 4.47 15.35
CA ARG B 39 2.57 5.21 14.79
C ARG B 39 1.33 4.33 14.86
N PHE B 40 0.21 4.92 15.25
CA PHE B 40 -1.10 4.28 15.09
C PHE B 40 -1.91 5.12 14.12
N ASP B 41 -2.18 4.55 12.96
CA ASP B 41 -2.97 5.20 11.91
C ASP B 41 -4.30 4.46 11.84
N SER B 42 -5.39 5.17 12.12
CA SER B 42 -6.70 4.53 12.18
C SER B 42 -7.08 3.88 10.85
N ASP B 43 -6.51 4.32 9.73
CA ASP B 43 -6.73 3.61 8.48
C ASP B 43 -6.13 2.21 8.54
N VAL B 44 -5.01 2.08 9.25
CA VAL B 44 -4.32 0.79 9.33
C VAL B 44 -4.95 -0.09 10.40
N GLY B 45 -5.32 0.49 11.54
CA GLY B 45 -5.99 -0.25 12.59
C GLY B 45 -5.10 -1.00 13.56
N GLU B 46 -3.79 -0.79 13.53
CA GLU B 46 -2.88 -1.37 14.51
C GLU B 46 -1.63 -0.52 14.56
N PHE B 47 -0.83 -0.72 15.61
CA PHE B 47 0.42 0.01 15.73
C PHE B 47 1.42 -0.51 14.71
N ARG B 48 2.19 0.42 14.13
CA ARG B 48 3.19 0.07 13.14
C ARG B 48 4.53 0.69 13.53
N ALA B 49 5.57 -0.12 13.55
CA ALA B 49 6.91 0.39 13.86
C ALA B 49 7.45 1.19 12.67
N VAL B 50 7.70 2.47 12.89
CA VAL B 50 8.30 3.29 11.84
C VAL B 50 9.79 3.03 11.74
N THR B 51 10.46 2.84 12.88
CA THR B 51 11.85 2.43 12.92
C THR B 51 12.02 1.28 13.91
N LEU B 52 13.16 0.60 13.80
CA LEU B 52 13.46 -0.52 14.70
C LEU B 52 13.31 -0.13 16.17
N LEU B 53 13.60 1.12 16.52
CA LEU B 53 13.49 1.54 17.92
C LEU B 53 12.06 1.39 18.43
N GLY B 54 11.06 1.46 17.55
CA GLY B 54 9.69 1.33 17.93
C GLY B 54 9.07 -0.05 17.74
N LEU B 55 9.85 -1.05 17.30
CA LEU B 55 9.28 -2.37 17.07
C LEU B 55 8.80 -3.05 18.34
N PRO B 56 9.56 -3.08 19.45
CA PRO B 56 9.02 -3.71 20.67
C PRO B 56 7.72 -3.09 21.14
N ALA B 57 7.62 -1.77 21.15
CA ALA B 57 6.38 -1.13 21.58
C ALA B 57 5.22 -1.49 20.68
N ALA B 58 5.43 -1.43 19.35
CA ALA B 58 4.38 -1.77 18.41
C ALA B 58 3.88 -3.19 18.61
N GLU B 59 4.80 -4.14 18.75
CA GLU B 59 4.39 -5.53 18.99
C GLU B 59 3.71 -5.67 20.35
N TYR B 60 4.22 -5.00 21.37
CA TYR B 60 3.66 -5.14 22.71
C TYR B 60 2.23 -4.61 22.77
N TRP B 61 2.02 -3.38 22.28
CA TRP B 61 0.69 -2.80 22.29
C TRP B 61 -0.28 -3.57 21.41
N ASN B 62 0.19 -4.03 20.24
CA ASN B 62 -0.70 -4.77 19.33
C ASN B 62 -1.14 -6.10 19.93
N SER B 63 -0.34 -6.68 20.83
CA SER B 63 -0.74 -7.95 21.44
C SER B 63 -1.82 -7.79 22.49
N GLN B 64 -2.16 -6.56 22.87
CA GLN B 64 -3.16 -6.30 23.92
C GLN B 64 -4.49 -5.94 23.25
N LYS B 65 -5.42 -6.90 23.25
CA LYS B 65 -6.71 -6.70 22.62
C LYS B 65 -7.39 -5.43 23.12
N ASP B 66 -7.42 -5.24 24.45
CA ASP B 66 -8.15 -4.10 25.01
C ASP B 66 -7.54 -2.77 24.56
N ILE B 67 -6.22 -2.70 24.43
CA ILE B 67 -5.61 -1.45 23.97
C ILE B 67 -5.94 -1.22 22.51
N LEU B 68 -5.83 -2.26 21.69
CA LEU B 68 -6.11 -2.14 20.26
C LEU B 68 -7.52 -1.61 20.01
N GLU B 69 -8.52 -2.23 20.66
CA GLU B 69 -9.90 -1.81 20.46
C GLU B 69 -10.13 -0.38 20.92
N ARG B 70 -9.46 0.03 22.00
CA ARG B 70 -9.57 1.42 22.43
C ARG B 70 -8.99 2.36 21.37
N LYS B 71 -7.83 2.03 20.81
CA LYS B 71 -7.24 2.89 19.80
C LYS B 71 -8.05 2.89 18.52
N ARG B 72 -8.68 1.76 18.18
CA ARG B 72 -9.49 1.71 16.97
C ARG B 72 -10.73 2.58 17.08
N ALA B 73 -11.28 2.70 18.29
CA ALA B 73 -12.44 3.55 18.50
C ALA B 73 -12.09 5.01 18.73
N ALA B 74 -10.80 5.35 18.85
CA ALA B 74 -10.43 6.70 19.27
C ALA B 74 -10.72 7.76 18.21
N VAL B 75 -10.73 7.37 16.93
CA VAL B 75 -11.06 8.34 15.88
C VAL B 75 -12.47 8.87 16.06
N ASP B 76 -13.40 8.00 16.48
CA ASP B 76 -14.76 8.46 16.73
C ASP B 76 -14.90 9.07 18.12
N ARG B 77 -14.18 8.54 19.10
CA ARG B 77 -14.38 9.03 20.46
C ARG B 77 -13.64 10.32 20.72
N VAL B 78 -12.42 10.46 20.20
CA VAL B 78 -11.64 11.67 20.47
C VAL B 78 -11.88 12.70 19.38
N CYS B 79 -11.50 12.35 18.14
CA CYS B 79 -11.55 13.31 17.04
C CYS B 79 -12.96 13.84 16.80
N ARG B 80 -13.95 12.94 16.74
CA ARG B 80 -15.30 13.41 16.43
C ARG B 80 -15.92 14.18 17.60
N HIS B 81 -15.65 13.76 18.83
CA HIS B 81 -16.13 14.54 19.97
C HIS B 81 -15.53 15.94 19.97
N ASN B 82 -14.23 16.05 19.74
CA ASN B 82 -13.58 17.36 19.82
C ASN B 82 -13.94 18.25 18.64
N TYR B 83 -14.18 17.65 17.47
CA TYR B 83 -14.60 18.46 16.32
C TYR B 83 -15.91 19.17 16.58
N GLN B 84 -16.86 18.49 17.24
CA GLN B 84 -18.12 19.14 17.61
C GLN B 84 -17.86 20.35 18.50
N LEU B 85 -16.87 20.26 19.39
CA LEU B 85 -16.47 21.43 20.17
C LEU B 85 -15.84 22.49 19.29
N GLU B 86 -15.08 22.08 18.26
CA GLU B 86 -14.47 23.04 17.35
C GLU B 86 -15.54 23.77 16.54
N LEU B 87 -16.62 23.07 16.17
CA LEU B 87 -17.71 23.68 15.40
C LEU B 87 -18.35 24.84 16.15
N ARG B 88 -18.36 24.77 17.48
CA ARG B 88 -18.93 25.83 18.32
C ARG B 88 -17.95 26.95 18.66
N THR B 89 -16.65 26.75 18.38
CA THR B 89 -15.65 27.69 18.85
C THR B 89 -14.67 28.07 17.74
N THR B 90 -13.57 27.30 17.62
CA THR B 90 -12.53 27.61 16.65
C THR B 90 -13.07 27.77 15.24
N LEU B 91 -13.94 26.84 14.81
CA LEU B 91 -14.45 26.88 13.44
C LEU B 91 -15.48 27.99 13.24
N GLN B 92 -15.92 28.66 14.29
CA GLN B 92 -16.81 29.80 14.19
C GLN B 92 -16.07 31.12 14.33
N ARG B 93 -14.77 31.09 14.57
CA ARG B 93 -14.00 32.31 14.76
C ARG B 93 -13.87 33.08 13.45
N ARG B 94 -14.36 34.32 13.44
CA ARG B 94 -14.32 35.20 12.28
C ARG B 94 -13.74 36.54 12.72
N VAL B 95 -12.52 36.83 12.31
CA VAL B 95 -11.85 38.10 12.61
C VAL B 95 -11.59 38.78 11.27
N GLU B 96 -12.25 39.91 11.06
CA GLU B 96 -12.15 40.59 9.77
C GLU B 96 -10.76 41.21 9.60
N PRO B 97 -10.17 41.10 8.41
CA PRO B 97 -8.84 41.69 8.20
C PRO B 97 -8.88 43.21 8.16
N THR B 98 -7.80 43.80 8.64
CA THR B 98 -7.54 45.23 8.48
C THR B 98 -6.65 45.40 7.26
N VAL B 99 -7.14 46.18 6.28
CA VAL B 99 -6.47 46.36 5.00
C VAL B 99 -5.92 47.78 4.93
N THR B 100 -4.63 47.89 4.60
CA THR B 100 -3.89 49.15 4.65
C THR B 100 -2.94 49.21 3.47
N ILE B 101 -2.92 50.32 2.75
CA ILE B 101 -1.98 50.55 1.66
C ILE B 101 -0.98 51.61 2.10
N SER B 102 0.30 51.37 1.80
CA SER B 102 1.31 52.36 2.05
C SER B 102 2.36 52.23 0.95
N PRO B 103 2.79 53.33 0.36
CA PRO B 103 3.81 53.26 -0.71
C PRO B 103 5.19 52.99 -0.13
N SER B 104 6.10 52.62 -1.01
CA SER B 104 7.46 52.28 -0.62
C SER B 104 8.39 52.69 -1.76
N ARG B 105 9.65 52.26 -1.67
CA ARG B 105 10.63 52.53 -2.71
C ARG B 105 11.76 51.51 -2.60
N THR B 106 12.28 51.09 -3.75
CA THR B 106 13.37 50.12 -3.78
C THR B 106 14.53 50.61 -4.65
N HIS B 112 8.08 57.24 -5.93
CA HIS B 112 7.41 56.02 -5.48
C HIS B 112 7.37 54.97 -6.60
N ASN B 113 7.60 53.70 -6.24
CA ASN B 113 7.51 52.63 -7.22
C ASN B 113 7.03 51.32 -6.62
N LEU B 114 6.48 51.31 -5.41
CA LEU B 114 6.08 50.07 -4.76
C LEU B 114 4.92 50.34 -3.81
N LEU B 115 3.84 49.59 -3.96
CA LEU B 115 2.69 49.66 -3.07
C LEU B 115 2.63 48.40 -2.21
N VAL B 116 2.48 48.58 -0.90
CA VAL B 116 2.38 47.47 0.03
C VAL B 116 0.98 47.46 0.60
N CYS B 117 0.22 46.41 0.28
CA CYS B 117 -1.08 46.20 0.89
C CYS B 117 -0.90 45.27 2.09
N SER B 118 -1.07 45.83 3.28
CA SER B 118 -0.96 45.08 4.53
C SER B 118 -2.33 44.57 4.92
N VAL B 119 -2.47 43.24 5.01
CA VAL B 119 -3.71 42.59 5.40
C VAL B 119 -3.44 41.92 6.74
N THR B 120 -3.89 42.54 7.82
CA THR B 120 -3.45 42.16 9.15
C THR B 120 -4.62 41.68 10.00
N ASP B 121 -4.30 40.78 10.94
CA ASP B 121 -5.18 40.37 12.03
C ASP B 121 -6.50 39.80 11.51
N PHE B 122 -6.42 38.70 10.76
CA PHE B 122 -7.60 38.01 10.30
C PHE B 122 -7.54 36.53 10.69
N TYR B 123 -8.71 35.91 10.78
CA TYR B 123 -8.85 34.50 11.07
C TYR B 123 -10.19 34.05 10.51
N PRO B 124 -10.28 32.90 9.84
CA PRO B 124 -9.19 31.93 9.64
C PRO B 124 -8.22 32.32 8.52
N ALA B 125 -7.36 31.37 8.14
CA ALA B 125 -6.25 31.64 7.23
C ALA B 125 -6.70 31.86 5.79
N GLN B 126 -7.80 31.25 5.38
CA GLN B 126 -8.23 31.32 3.99
C GLN B 126 -8.50 32.76 3.60
N ILE B 127 -7.81 33.23 2.57
CA ILE B 127 -7.89 34.63 2.17
C ILE B 127 -7.42 34.75 0.74
N LYS B 128 -7.98 35.70 0.00
CA LYS B 128 -7.56 36.00 -1.36
C LYS B 128 -7.35 37.51 -1.48
N VAL B 129 -6.14 37.90 -1.87
CA VAL B 129 -5.76 39.31 -2.00
C VAL B 129 -5.36 39.57 -3.44
N ARG B 130 -5.99 40.57 -4.06
CA ARG B 130 -5.72 40.94 -5.45
C ARG B 130 -5.41 42.43 -5.56
N TRP B 131 -4.52 42.75 -6.49
CA TRP B 131 -4.21 44.13 -6.85
C TRP B 131 -4.92 44.48 -8.15
N PHE B 132 -5.46 45.71 -8.20
CA PHE B 132 -6.10 46.26 -9.39
C PHE B 132 -5.51 47.63 -9.71
N ARG B 133 -5.28 47.89 -10.99
CA ARG B 133 -4.88 49.21 -11.48
C ARG B 133 -5.95 49.69 -12.44
N ASN B 134 -6.71 50.71 -12.03
CA ASN B 134 -7.81 51.26 -12.85
C ASN B 134 -8.81 50.17 -13.22
N ASP B 135 -9.22 49.39 -12.21
CA ASP B 135 -10.22 48.33 -12.29
C ASP B 135 -9.76 47.12 -13.10
N GLN B 136 -8.50 47.06 -13.50
CA GLN B 136 -7.94 45.93 -14.21
C GLN B 136 -6.95 45.22 -13.30
N GLU B 137 -7.16 43.92 -13.08
CA GLU B 137 -6.33 43.20 -12.12
C GLU B 137 -4.89 43.14 -12.59
N GLU B 138 -3.97 43.48 -11.69
CA GLU B 138 -2.54 43.35 -11.94
C GLU B 138 -2.09 41.96 -11.51
N THR B 139 -1.35 41.28 -12.38
CA THR B 139 -0.78 39.99 -12.07
C THR B 139 0.73 39.97 -12.12
N ALA B 140 1.34 40.68 -13.08
CA ALA B 140 2.78 40.85 -13.10
C ALA B 140 3.20 41.97 -12.18
N GLY B 141 4.32 41.77 -11.49
CA GLY B 141 4.79 42.73 -10.53
C GLY B 141 4.18 42.60 -9.15
N VAL B 142 3.36 41.59 -8.92
CA VAL B 142 2.79 41.34 -7.60
C VAL B 142 3.68 40.35 -6.87
N VAL B 143 4.17 40.74 -5.70
CA VAL B 143 5.00 39.89 -4.86
C VAL B 143 4.41 39.87 -3.46
N SER B 144 4.08 38.69 -2.97
CA SER B 144 3.43 38.53 -1.68
C SER B 144 4.34 37.78 -0.72
N THR B 145 4.32 38.17 0.55
CA THR B 145 4.92 37.35 1.58
C THR B 145 4.13 36.06 1.70
N PRO B 146 4.68 35.05 2.36
CA PRO B 146 3.84 33.91 2.74
C PRO B 146 2.80 34.34 3.77
N LEU B 147 1.82 33.47 3.94
CA LEU B 147 0.90 33.62 5.05
C LEU B 147 1.69 33.61 6.35
N ILE B 148 1.44 34.60 7.20
CA ILE B 148 2.22 34.82 8.41
C ILE B 148 1.33 34.51 9.61
N ARG B 149 1.75 33.53 10.41
CA ARG B 149 1.03 33.13 11.61
C ARG B 149 1.54 33.96 12.78
N ASN B 150 0.68 34.83 13.33
CA ASN B 150 1.09 35.65 14.46
C ASN B 150 1.20 34.84 15.73
N GLY B 151 0.50 33.71 15.83
CA GLY B 151 0.53 32.88 17.02
C GLY B 151 -0.56 33.18 18.02
N ASP B 152 -1.29 34.27 17.83
CA ASP B 152 -2.37 34.66 18.72
C ASP B 152 -3.74 34.44 18.08
N TRP B 153 -3.85 33.42 17.24
CA TRP B 153 -5.08 33.10 16.51
C TRP B 153 -5.46 34.19 15.53
N THR B 154 -4.48 34.89 14.99
CA THR B 154 -4.67 35.79 13.86
C THR B 154 -3.52 35.59 12.88
N PHE B 155 -3.79 35.93 11.63
CA PHE B 155 -2.79 35.88 10.56
C PHE B 155 -2.60 37.28 9.99
N GLN B 156 -1.54 37.40 9.18
CA GLN B 156 -1.36 38.60 8.37
C GLN B 156 -0.61 38.20 7.09
N ILE B 157 -0.67 39.09 6.11
CA ILE B 157 0.02 38.85 4.85
C ILE B 157 0.22 40.20 4.17
N LEU B 158 1.34 40.34 3.48
CA LEU B 158 1.70 41.56 2.76
C LEU B 158 1.77 41.23 1.28
N VAL B 159 1.17 42.08 0.45
CA VAL B 159 1.13 41.89 -0.99
C VAL B 159 1.68 43.15 -1.65
N MET B 160 2.89 43.05 -2.19
CA MET B 160 3.54 44.18 -2.86
C MET B 160 3.18 44.21 -4.34
N LEU B 161 3.03 45.41 -4.88
CA LEU B 161 2.80 45.62 -6.30
C LEU B 161 3.86 46.58 -6.82
N GLU B 162 4.66 46.12 -7.78
CA GLU B 162 5.58 47.00 -8.48
C GLU B 162 4.79 47.87 -9.44
N MET B 163 4.98 49.18 -9.36
CA MET B 163 4.13 50.10 -10.07
C MET B 163 4.94 51.27 -10.62
N THR B 164 4.53 51.76 -11.78
CA THR B 164 4.98 53.04 -12.30
C THR B 164 3.73 53.90 -12.47
N PRO B 165 3.39 54.74 -11.50
CA PRO B 165 2.06 55.36 -11.47
C PRO B 165 1.97 56.61 -12.34
N GLN B 166 0.89 56.69 -13.13
CA GLN B 166 0.48 57.89 -13.81
C GLN B 166 -0.46 58.68 -12.91
N ARG B 167 -0.37 60.01 -12.97
CA ARG B 167 -1.25 60.84 -12.16
C ARG B 167 -2.69 60.54 -12.54
N GLY B 168 -3.52 60.26 -11.53
CA GLY B 168 -4.89 59.89 -11.71
C GLY B 168 -5.17 58.41 -11.54
N ASP B 169 -4.14 57.57 -11.69
CA ASP B 169 -4.30 56.12 -11.50
C ASP B 169 -4.83 55.81 -10.11
N VAL B 170 -5.79 54.89 -10.05
CA VAL B 170 -6.33 54.42 -8.79
C VAL B 170 -5.95 52.95 -8.63
N TYR B 171 -5.17 52.65 -7.61
CA TYR B 171 -4.75 51.29 -7.30
C TYR B 171 -5.62 50.78 -6.16
N THR B 172 -6.22 49.61 -6.36
CA THR B 172 -7.15 49.04 -5.40
C THR B 172 -6.61 47.70 -4.89
N CYS B 173 -6.62 47.54 -3.58
CA CYS B 173 -6.31 46.26 -2.94
C CYS B 173 -7.64 45.56 -2.66
N HIS B 174 -7.81 44.36 -3.21
CA HIS B 174 -9.06 43.61 -3.16
C HIS B 174 -8.86 42.39 -2.29
N VAL B 175 -9.66 42.29 -1.22
CA VAL B 175 -9.44 41.26 -0.20
C VAL B 175 -10.74 40.50 0.02
N GLU B 176 -10.69 39.18 -0.12
CA GLU B 176 -11.81 38.30 0.15
C GLU B 176 -11.48 37.38 1.31
N HIS B 177 -12.44 37.23 2.22
CA HIS B 177 -12.19 36.50 3.45
C HIS B 177 -13.51 35.95 3.96
N PRO B 178 -13.53 34.73 4.52
CA PRO B 178 -14.81 34.15 4.98
C PRO B 178 -15.57 35.01 5.97
N SER B 179 -14.91 35.95 6.64
CA SER B 179 -15.62 36.84 7.56
C SER B 179 -16.32 38.00 6.87
N LEU B 180 -16.18 38.11 5.55
CA LEU B 180 -16.67 39.26 4.79
C LEU B 180 -17.88 38.88 3.97
N GLN B 181 -18.99 39.58 4.17
CA GLN B 181 -20.15 39.37 3.31
C GLN B 181 -19.90 39.90 1.91
N SER B 182 -18.96 40.82 1.74
CA SER B 182 -18.56 41.33 0.44
C SER B 182 -17.10 41.77 0.54
N PRO B 183 -16.35 41.75 -0.56
CA PRO B 183 -14.91 42.02 -0.48
C PRO B 183 -14.61 43.41 0.07
N ILE B 184 -13.44 43.54 0.70
CA ILE B 184 -12.92 44.83 1.14
C ILE B 184 -12.06 45.42 0.03
N THR B 185 -12.27 46.69 -0.28
CA THR B 185 -11.45 47.41 -1.25
C THR B 185 -10.89 48.66 -0.58
N VAL B 186 -9.58 48.83 -0.67
CA VAL B 186 -8.89 50.04 -0.24
C VAL B 186 -8.19 50.59 -1.46
N GLU B 187 -8.26 51.91 -1.64
CA GLU B 187 -7.74 52.55 -2.85
C GLU B 187 -6.56 53.44 -2.50
N TRP B 188 -5.57 53.45 -3.40
CA TRP B 188 -4.48 54.40 -3.34
C TRP B 188 -4.42 55.11 -4.68
N ARG B 189 -4.62 56.42 -4.67
CA ARG B 189 -4.76 57.21 -5.89
C ARG B 189 -3.51 58.05 -6.11
N ALA B 190 -2.88 57.88 -7.28
CA ALA B 190 -1.65 58.60 -7.59
C ALA B 190 -1.94 60.07 -7.83
N GLN B 191 -1.27 60.93 -7.07
CA GLN B 191 -1.43 62.37 -7.20
C GLN B 191 -0.40 63.00 -8.14
N SER B 192 0.62 62.26 -8.54
CA SER B 192 1.62 62.75 -9.48
C SER B 192 2.14 61.58 -10.30
N THR B 193 2.81 61.90 -11.40
CA THR B 193 3.36 60.87 -12.28
C THR B 193 4.78 60.52 -11.84
N GLY B 194 5.03 59.23 -11.64
CA GLY B 194 6.35 58.76 -11.24
C GLY B 194 7.28 58.52 -12.42
N ALA C 1 -18.55 19.84 26.98
CA ALA C 1 -17.91 20.93 27.71
C ALA C 1 -16.49 20.56 28.08
N THR C 2 -15.99 19.47 27.50
CA THR C 2 -14.65 18.98 27.79
C THR C 2 -14.00 18.38 26.55
N PRO C 3 -12.84 18.86 26.15
CA PRO C 3 -12.09 18.18 25.09
C PRO C 3 -11.50 16.87 25.59
N LEU C 4 -11.58 15.85 24.75
CA LEU C 4 -10.97 14.56 25.05
C LEU C 4 -9.54 14.53 24.54
N LEU C 5 -8.75 13.61 25.10
CA LEU C 5 -7.36 13.49 24.73
C LEU C 5 -7.05 12.05 24.36
N MET C 6 -5.90 11.86 23.75
CA MET C 6 -5.38 10.53 23.49
C MET C 6 -4.35 10.19 24.56
N GLN C 7 -4.51 9.02 25.16
CA GLN C 7 -3.69 8.61 26.28
C GLN C 7 -2.40 7.97 25.78
N ALA C 8 -1.31 8.29 26.46
CA ALA C 8 -0.01 7.70 26.14
C ALA C 8 0.09 6.31 26.76
N LEU C 9 0.74 5.39 26.03
CA LEU C 9 0.87 4.02 26.50
C LEU C 9 2.28 3.73 26.98
N PRO C 10 2.42 3.06 28.12
CA PRO C 10 3.76 2.73 28.61
C PRO C 10 4.42 1.69 27.73
N MET C 11 5.73 1.80 27.60
CA MET C 11 6.54 0.80 26.89
C MET C 11 7.02 -0.25 27.89
N GLY C 12 6.06 -1.05 28.37
CA GLY C 12 6.33 -2.07 29.36
C GLY C 12 5.66 -1.78 30.69
N LYS D 4 16.90 -9.05 -2.54
CA LYS D 4 17.78 -9.01 -1.37
C LYS D 4 16.99 -8.82 -0.07
N GLU D 5 15.89 -8.06 -0.14
CA GLU D 5 15.07 -7.86 1.05
C GLU D 5 14.49 -9.17 1.56
N VAL D 6 13.87 -9.95 0.67
CA VAL D 6 13.32 -11.26 1.02
C VAL D 6 14.00 -12.30 0.15
N GLU D 7 14.62 -13.29 0.79
CA GLU D 7 15.32 -14.37 0.11
C GLU D 7 14.79 -15.70 0.59
N GLN D 8 14.31 -16.52 -0.34
CA GLN D 8 13.83 -17.86 -0.03
C GLN D 8 14.76 -18.92 -0.62
N ASP D 9 14.56 -20.15 -0.18
CA ASP D 9 15.23 -21.29 -0.80
C ASP D 9 14.98 -21.26 -2.30
N PRO D 10 16.01 -21.33 -3.14
CA PRO D 10 15.83 -21.12 -4.58
C PRO D 10 15.12 -22.26 -5.29
N GLY D 11 15.84 -23.36 -5.49
CA GLY D 11 15.45 -24.41 -6.39
C GLY D 11 14.16 -25.10 -6.00
N PRO D 12 13.62 -25.89 -6.93
CA PRO D 12 12.40 -26.65 -6.63
C PRO D 12 12.68 -27.74 -5.62
N PHE D 13 11.70 -27.99 -4.75
CA PHE D 13 11.78 -29.11 -3.83
C PHE D 13 11.01 -30.27 -4.44
N ASN D 14 11.73 -31.36 -4.70
CA ASN D 14 11.11 -32.61 -5.14
C ASN D 14 11.10 -33.56 -3.95
N VAL D 15 9.92 -33.82 -3.43
CA VAL D 15 9.76 -34.49 -2.14
C VAL D 15 8.87 -35.70 -2.31
N PRO D 16 9.21 -36.84 -1.73
CA PRO D 16 8.31 -37.99 -1.78
C PRO D 16 7.15 -37.80 -0.82
N GLU D 17 5.99 -38.31 -1.22
CA GLU D 17 4.81 -38.23 -0.37
C GLU D 17 5.10 -38.84 0.99
N GLY D 18 4.66 -38.13 2.04
CA GLY D 18 4.88 -38.56 3.41
C GLY D 18 6.07 -37.91 4.10
N ALA D 19 6.98 -37.30 3.35
CA ALA D 19 8.15 -36.66 3.93
C ALA D 19 7.80 -35.31 4.54
N THR D 20 8.61 -34.90 5.51
CA THR D 20 8.50 -33.57 6.08
C THR D 20 9.37 -32.60 5.30
N VAL D 21 8.84 -31.40 5.05
CA VAL D 21 9.50 -30.39 4.23
C VAL D 21 9.78 -29.16 5.08
N ALA D 22 10.96 -28.57 4.89
CA ALA D 22 11.36 -27.37 5.60
C ALA D 22 11.64 -26.27 4.59
N PHE D 23 10.87 -25.20 4.63
CA PHE D 23 11.11 -23.99 3.84
C PHE D 23 11.80 -22.96 4.70
N ASN D 24 12.83 -22.31 4.16
CA ASN D 24 13.52 -21.25 4.89
C ASN D 24 13.50 -19.95 4.10
N CYS D 25 13.55 -18.84 4.83
CA CYS D 25 13.45 -17.51 4.26
C CYS D 25 14.16 -16.52 5.19
N THR D 26 14.93 -15.61 4.60
CA THR D 26 15.65 -14.58 5.35
C THR D 26 15.24 -13.20 4.89
N TYR D 27 15.17 -12.27 5.83
CA TYR D 27 14.81 -10.88 5.55
C TYR D 27 15.91 -9.97 6.06
N SER D 28 16.18 -8.89 5.32
CA SER D 28 17.30 -8.00 5.65
C SER D 28 16.93 -6.90 6.63
N ASN D 29 15.70 -6.38 6.56
CA ASN D 29 15.32 -5.22 7.37
C ASN D 29 14.95 -5.69 8.78
N SER D 30 15.80 -5.35 9.76
CA SER D 30 15.53 -5.71 11.14
C SER D 30 14.21 -5.13 11.64
N ALA D 31 13.77 -4.00 11.09
CA ALA D 31 12.53 -3.37 11.54
C ALA D 31 11.29 -4.09 11.05
N SER D 32 11.43 -5.17 10.28
CA SER D 32 10.26 -5.88 9.77
C SER D 32 9.37 -6.34 10.91
N GLN D 33 8.07 -6.10 10.77
CA GLN D 33 7.14 -6.25 11.87
C GLN D 33 6.34 -7.55 11.80
N SER D 34 5.80 -7.88 10.63
CA SER D 34 4.89 -9.01 10.48
C SER D 34 5.35 -9.89 9.34
N PHE D 35 5.03 -11.18 9.46
CA PHE D 35 5.55 -12.19 8.57
C PHE D 35 4.46 -13.20 8.27
N PHE D 36 4.39 -13.64 7.01
CA PHE D 36 3.32 -14.53 6.57
C PHE D 36 3.88 -15.53 5.57
N TRP D 37 3.23 -16.68 5.49
CA TRP D 37 3.44 -17.61 4.39
C TRP D 37 2.19 -17.64 3.53
N TYR D 38 2.40 -17.58 2.22
CA TYR D 38 1.33 -17.70 1.24
C TYR D 38 1.59 -18.91 0.35
N ARG D 39 0.52 -19.48 -0.16
CA ARG D 39 0.56 -20.65 -1.03
C ARG D 39 -0.04 -20.28 -2.38
N GLN D 40 0.64 -20.65 -3.46
CA GLN D 40 0.16 -20.32 -4.80
C GLN D 40 0.30 -21.53 -5.70
N ASP D 41 -0.83 -22.03 -6.19
CA ASP D 41 -0.81 -23.08 -7.19
C ASP D 41 -0.42 -22.49 -8.54
N CYS D 42 -0.05 -23.38 -9.46
CA CYS D 42 0.47 -22.96 -10.76
C CYS D 42 -0.57 -22.13 -11.51
N ARG D 43 -0.11 -21.00 -12.06
CA ARG D 43 -0.89 -20.05 -12.85
C ARG D 43 -2.14 -19.52 -12.12
N LYS D 44 -2.24 -19.74 -10.80
CA LYS D 44 -3.38 -19.26 -10.02
C LYS D 44 -2.95 -18.16 -9.05
N GLU D 45 -3.82 -17.86 -8.07
CA GLU D 45 -3.59 -16.71 -7.20
C GLU D 45 -3.01 -17.12 -5.86
N PRO D 46 -2.31 -16.22 -5.18
CA PRO D 46 -1.78 -16.54 -3.85
C PRO D 46 -2.89 -16.61 -2.81
N LYS D 47 -2.69 -17.49 -1.83
CA LYS D 47 -3.64 -17.64 -0.73
C LYS D 47 -2.87 -17.62 0.58
N LEU D 48 -3.37 -16.83 1.54
CA LEU D 48 -2.75 -16.77 2.85
C LEU D 48 -2.78 -18.14 3.52
N LEU D 49 -1.61 -18.64 3.89
CA LEU D 49 -1.47 -19.92 4.56
C LEU D 49 -1.47 -19.76 6.08
N MET D 50 -0.53 -18.98 6.61
CA MET D 50 -0.52 -18.70 8.04
C MET D 50 0.35 -17.49 8.34
N SER D 51 0.06 -16.87 9.48
CA SER D 51 0.94 -15.87 10.06
C SER D 51 2.08 -16.55 10.81
N VAL D 52 3.19 -15.84 10.96
CA VAL D 52 4.42 -16.38 11.52
C VAL D 52 4.70 -15.67 12.84
N TYR D 53 4.95 -16.45 13.89
CA TYR D 53 5.25 -15.91 15.21
C TYR D 53 6.53 -16.53 15.74
N SER D 54 7.13 -15.85 16.71
CA SER D 54 8.33 -16.39 17.34
C SER D 54 8.02 -17.64 18.15
N SER D 55 6.86 -17.70 18.80
CA SER D 55 6.51 -18.86 19.60
C SER D 55 6.37 -20.11 18.74
N GLY D 56 6.00 -19.95 17.47
CA GLY D 56 5.84 -21.09 16.59
C GLY D 56 4.39 -21.42 16.31
N ASN D 57 3.82 -20.79 15.30
CA ASN D 57 2.42 -21.02 14.92
C ASN D 57 2.28 -22.41 14.31
N GLU D 58 1.41 -23.24 14.89
CA GLU D 58 1.17 -24.60 14.42
C GLU D 58 -0.30 -24.77 14.08
N ASP D 59 -0.59 -25.14 12.84
CA ASP D 59 -1.96 -25.36 12.36
C ASP D 59 -1.94 -26.65 11.55
N GLY D 60 -2.32 -27.76 12.20
CA GLY D 60 -2.39 -29.04 11.51
C GLY D 60 -1.01 -29.55 11.14
N ARG D 61 -0.82 -29.88 9.86
CA ARG D 61 0.46 -30.35 9.38
C ARG D 61 1.46 -29.23 9.15
N PHE D 62 1.09 -27.98 9.42
CA PHE D 62 1.91 -26.83 9.07
C PHE D 62 2.43 -26.14 10.33
N THR D 63 3.71 -25.79 10.30
CA THR D 63 4.35 -25.05 11.38
C THR D 63 5.18 -23.92 10.79
N ALA D 64 4.92 -22.70 11.23
CA ALA D 64 5.70 -21.53 10.82
C ALA D 64 6.30 -20.89 12.06
N GLN D 65 7.56 -20.47 11.95
CA GLN D 65 8.26 -19.89 13.07
C GLN D 65 9.16 -18.75 12.60
N LEU D 66 9.39 -17.81 13.50
CA LEU D 66 10.18 -16.61 13.26
C LEU D 66 11.32 -16.56 14.26
N ASN D 67 12.52 -16.23 13.79
CA ASN D 67 13.67 -16.00 14.65
C ASN D 67 14.23 -14.62 14.32
N ARG D 68 13.93 -13.64 15.16
CA ARG D 68 14.37 -12.28 14.89
C ARG D 68 15.87 -12.09 15.06
N ALA D 69 16.53 -12.98 15.81
CA ALA D 69 17.97 -12.84 16.04
C ALA D 69 18.76 -13.17 14.78
N SER D 70 18.41 -14.27 14.12
CA SER D 70 19.02 -14.63 12.85
C SER D 70 18.25 -14.07 11.67
N GLN D 71 17.09 -13.46 11.91
CA GLN D 71 16.22 -12.93 10.86
C GLN D 71 15.85 -14.03 9.85
N TYR D 72 15.39 -15.15 10.40
CA TYR D 72 14.95 -16.33 9.65
C TYR D 72 13.46 -16.55 9.84
N ILE D 73 12.80 -16.96 8.77
CA ILE D 73 11.42 -17.43 8.80
C ILE D 73 11.41 -18.84 8.27
N SER D 74 10.61 -19.71 8.89
CA SER D 74 10.54 -21.10 8.48
C SER D 74 9.10 -21.54 8.32
N LEU D 75 8.89 -22.49 7.43
CA LEU D 75 7.63 -23.19 7.26
C LEU D 75 7.90 -24.68 7.24
N LEU D 76 7.17 -25.43 8.07
CA LEU D 76 7.31 -26.87 8.16
C LEU D 76 6.01 -27.53 7.72
N ILE D 77 6.12 -28.51 6.83
CA ILE D 77 4.98 -29.29 6.36
C ILE D 77 5.26 -30.76 6.70
N ARG D 78 4.53 -31.28 7.69
CA ARG D 78 4.62 -32.69 8.03
C ARG D 78 3.71 -33.52 7.13
N ASP D 79 4.16 -34.73 6.83
CA ASP D 79 3.35 -35.72 6.12
C ASP D 79 2.82 -35.14 4.82
N SER D 80 3.75 -34.71 3.97
CA SER D 80 3.40 -34.00 2.75
C SER D 80 2.51 -34.83 1.84
N LYS D 81 1.48 -34.20 1.30
CA LYS D 81 0.52 -34.84 0.40
C LYS D 81 0.65 -34.25 -1.00
N LEU D 82 0.16 -35.01 -1.98
CA LEU D 82 0.22 -34.55 -3.37
C LEU D 82 -0.39 -33.17 -3.53
N SER D 83 -1.49 -32.91 -2.82
CA SER D 83 -2.15 -31.61 -2.88
C SER D 83 -1.32 -30.48 -2.27
N ASP D 84 -0.24 -30.78 -1.54
CA ASP D 84 0.63 -29.73 -1.07
C ASP D 84 1.47 -29.11 -2.17
N SER D 85 1.57 -29.77 -3.33
CA SER D 85 2.37 -29.26 -4.44
C SER D 85 1.91 -27.86 -4.84
N ALA D 86 2.78 -26.87 -4.64
CA ALA D 86 2.48 -25.48 -4.95
C ALA D 86 3.76 -24.69 -4.77
N THR D 87 3.67 -23.38 -4.99
CA THR D 87 4.75 -22.46 -4.69
C THR D 87 4.43 -21.75 -3.38
N TYR D 88 5.39 -21.71 -2.47
CA TYR D 88 5.20 -21.16 -1.14
C TYR D 88 5.98 -19.85 -1.02
N LEU D 89 5.25 -18.78 -0.75
CA LEU D 89 5.79 -17.43 -0.79
C LEU D 89 6.03 -16.91 0.62
N CYS D 90 7.25 -16.45 0.88
CA CYS D 90 7.59 -15.75 2.11
C CYS D 90 7.25 -14.27 1.93
N VAL D 91 6.45 -13.73 2.84
CA VAL D 91 5.94 -12.37 2.70
C VAL D 91 6.27 -11.59 3.96
N VAL D 92 7.00 -10.49 3.81
CA VAL D 92 7.54 -9.72 4.92
C VAL D 92 6.97 -8.31 4.86
N MET D 93 6.48 -7.82 5.99
CA MET D 93 5.82 -6.52 6.08
C MET D 93 6.68 -5.59 6.95
N GLY D 94 7.09 -4.47 6.37
CA GLY D 94 7.74 -3.40 7.10
C GLY D 94 6.93 -2.12 6.99
N PHE D 95 7.47 -1.00 7.45
CA PHE D 95 6.71 0.25 7.40
C PHE D 95 6.45 0.66 5.95
N GLN D 96 5.18 0.65 5.55
CA GLN D 96 4.74 1.07 4.21
C GLN D 96 5.41 0.24 3.10
N LYS D 97 5.64 -1.04 3.35
CA LYS D 97 6.16 -1.91 2.31
C LYS D 97 5.85 -3.36 2.65
N LEU D 98 5.15 -4.05 1.74
CA LEU D 98 4.81 -5.45 1.88
C LEU D 98 5.49 -6.22 0.74
N VAL D 99 6.46 -7.06 1.08
CA VAL D 99 7.34 -7.68 0.10
C VAL D 99 6.99 -9.16 -0.04
N PHE D 100 6.60 -9.55 -1.24
CA PHE D 100 6.35 -10.95 -1.59
C PHE D 100 7.65 -11.58 -2.10
N GLY D 101 8.08 -12.66 -1.44
CA GLY D 101 9.21 -13.40 -1.95
C GLY D 101 8.91 -14.03 -3.30
N THR D 102 9.97 -14.45 -3.98
CA THR D 102 9.81 -15.07 -5.29
C THR D 102 9.26 -16.48 -5.20
N GLY D 103 9.39 -17.13 -4.05
CA GLY D 103 8.71 -18.41 -3.81
C GLY D 103 9.63 -19.60 -3.97
N THR D 104 9.33 -20.65 -3.22
CA THR D 104 9.97 -21.95 -3.38
C THR D 104 8.93 -22.94 -3.88
N ARG D 105 9.18 -23.55 -5.03
CA ARG D 105 8.20 -24.47 -5.61
C ARG D 105 8.36 -25.85 -5.01
N LEU D 106 7.23 -26.46 -4.67
CA LEU D 106 7.17 -27.78 -4.04
C LEU D 106 6.43 -28.74 -4.95
N LEU D 107 7.05 -29.87 -5.24
CA LEU D 107 6.42 -30.93 -6.04
C LEU D 107 6.48 -32.22 -5.24
N VAL D 108 5.34 -32.65 -4.73
CA VAL D 108 5.23 -33.90 -3.97
C VAL D 108 4.93 -35.03 -4.95
N SER D 109 5.80 -36.04 -4.98
CA SER D 109 5.59 -37.19 -5.86
C SER D 109 5.02 -38.36 -5.09
N PRO D 110 4.18 -39.17 -5.74
CA PRO D 110 3.57 -40.31 -5.05
C PRO D 110 4.52 -41.48 -4.94
N ASN D 111 4.27 -42.31 -3.93
CA ASN D 111 5.08 -43.51 -3.69
C ASN D 111 4.37 -44.69 -4.36
N ILE D 112 4.77 -44.98 -5.59
CA ILE D 112 4.14 -46.07 -6.36
C ILE D 112 4.59 -47.40 -5.75
N GLN D 113 3.66 -48.09 -5.09
CA GLN D 113 4.02 -49.31 -4.36
C GLN D 113 4.47 -50.40 -5.32
N ASN D 114 3.63 -50.75 -6.29
CA ASN D 114 3.93 -51.80 -7.26
C ASN D 114 3.93 -51.20 -8.66
N PRO D 115 5.09 -50.76 -9.16
CA PRO D 115 5.14 -50.22 -10.52
C PRO D 115 4.79 -51.27 -11.55
N ASP D 116 4.15 -50.82 -12.63
CA ASP D 116 3.79 -51.70 -13.75
C ASP D 116 3.98 -50.92 -15.05
N PRO D 117 5.20 -50.45 -15.32
CA PRO D 117 5.40 -49.53 -16.44
C PRO D 117 5.07 -50.17 -17.77
N ALA D 118 4.35 -49.42 -18.60
CA ALA D 118 3.89 -49.94 -19.89
C ALA D 118 3.63 -48.77 -20.81
N VAL D 119 3.63 -49.07 -22.12
CA VAL D 119 3.36 -48.10 -23.16
C VAL D 119 2.18 -48.63 -23.98
N TYR D 120 1.06 -47.92 -23.92
CA TYR D 120 -0.15 -48.31 -24.62
C TYR D 120 -0.45 -47.34 -25.76
N GLN D 121 -1.09 -47.85 -26.80
CA GLN D 121 -1.53 -47.05 -27.93
C GLN D 121 -3.04 -46.87 -27.83
N LEU D 122 -3.51 -45.64 -28.00
CA LEU D 122 -4.92 -45.30 -27.85
C LEU D 122 -5.44 -44.72 -29.15
N ARG D 123 -6.56 -45.24 -29.62
CA ARG D 123 -7.12 -44.83 -30.90
C ARG D 123 -8.15 -43.72 -30.71
N ASP D 124 -8.22 -42.83 -31.70
CA ASP D 124 -9.18 -41.73 -31.67
C ASP D 124 -10.61 -42.28 -31.73
N SER D 125 -11.49 -41.68 -30.92
CA SER D 125 -12.88 -42.12 -30.91
C SER D 125 -13.58 -41.76 -32.22
N LYS D 126 -13.14 -40.70 -32.89
CA LYS D 126 -13.76 -40.27 -34.14
C LYS D 126 -12.79 -40.42 -35.32
N SER D 127 -12.38 -41.65 -35.59
CA SER D 127 -11.46 -41.95 -36.69
C SER D 127 -10.14 -41.17 -36.57
N ASP D 129 -7.37 -43.22 -37.74
CA ASP D 129 -5.95 -43.27 -38.08
C ASP D 129 -5.11 -42.59 -36.99
N LYS D 130 -5.67 -41.54 -36.39
CA LYS D 130 -4.95 -40.79 -35.36
C LYS D 130 -4.84 -41.62 -34.07
N SER D 131 -3.71 -41.49 -33.39
CA SER D 131 -3.49 -42.20 -32.14
C SER D 131 -2.40 -41.50 -31.34
N VAL D 132 -2.45 -41.72 -30.02
CA VAL D 132 -1.44 -41.24 -29.09
C VAL D 132 -0.88 -42.44 -28.33
N CYS D 133 0.30 -42.25 -27.75
CA CYS D 133 0.96 -43.26 -26.95
C CYS D 133 0.95 -42.83 -25.49
N LEU D 134 0.56 -43.75 -24.62
CA LEU D 134 0.44 -43.48 -23.19
C LEU D 134 1.46 -44.33 -22.44
N PHE D 135 2.58 -43.72 -22.06
CA PHE D 135 3.47 -44.32 -21.09
C PHE D 135 2.88 -44.08 -19.70
N THR D 136 2.59 -45.15 -18.97
CA THR D 136 1.87 -45.02 -17.72
C THR D 136 2.37 -46.04 -16.70
N ASP D 137 1.86 -45.90 -15.48
CA ASP D 137 2.08 -46.83 -14.38
C ASP D 137 3.56 -47.03 -14.05
N PHE D 138 4.43 -46.10 -14.46
CA PHE D 138 5.84 -46.19 -14.10
C PHE D 138 6.06 -45.60 -12.71
N ASP D 139 7.32 -45.50 -12.30
CA ASP D 139 7.73 -45.17 -10.95
C ASP D 139 8.13 -43.70 -10.83
N SER D 140 7.89 -43.11 -9.65
CA SER D 140 8.09 -41.68 -9.49
C SER D 140 9.54 -41.25 -9.72
N GLN D 141 10.50 -42.16 -9.58
CA GLN D 141 11.89 -41.84 -9.83
C GLN D 141 12.24 -41.82 -11.32
N THR D 142 11.28 -42.08 -12.19
CA THR D 142 11.51 -42.06 -13.63
C THR D 142 11.25 -40.66 -14.17
N ASN D 143 12.21 -40.14 -14.92
CA ASN D 143 12.10 -38.83 -15.57
C ASN D 143 11.69 -39.01 -17.03
N VAL D 144 10.91 -38.07 -17.53
CA VAL D 144 10.49 -38.04 -18.93
C VAL D 144 11.11 -36.83 -19.59
N SER D 145 11.81 -37.04 -20.70
CA SER D 145 12.51 -35.99 -21.42
C SER D 145 11.65 -35.50 -22.56
N GLN D 146 11.38 -34.19 -22.60
CA GLN D 146 10.68 -33.61 -23.73
C GLN D 146 11.47 -33.83 -25.01
N SER D 147 10.78 -34.29 -26.05
CA SER D 147 11.45 -34.66 -27.29
C SER D 147 12.17 -33.47 -27.90
N LYS D 148 13.31 -33.76 -28.54
CA LYS D 148 14.08 -32.76 -29.26
C LYS D 148 13.81 -32.78 -30.76
N ASP D 149 12.87 -33.62 -31.22
CA ASP D 149 12.42 -33.63 -32.60
C ASP D 149 11.17 -32.77 -32.73
N SER D 150 11.11 -31.96 -33.80
CA SER D 150 10.04 -30.99 -33.96
C SER D 150 8.70 -31.62 -34.33
N ASP D 151 8.69 -32.89 -34.73
CA ASP D 151 7.47 -33.53 -35.22
C ASP D 151 6.82 -34.46 -34.20
N VAL D 152 7.52 -34.85 -33.14
CA VAL D 152 6.97 -35.74 -32.12
C VAL D 152 6.92 -34.99 -30.79
N TYR D 153 5.75 -35.00 -30.16
CA TYR D 153 5.51 -34.25 -28.93
C TYR D 153 5.44 -35.21 -27.75
N ILE D 154 5.97 -34.77 -26.60
CA ILE D 154 6.01 -35.56 -25.38
C ILE D 154 5.68 -34.65 -24.21
N THR D 155 4.62 -34.97 -23.47
CA THR D 155 4.24 -34.19 -22.30
C THR D 155 5.08 -34.60 -21.10
N ASP D 156 5.03 -33.78 -20.05
CA ASP D 156 5.74 -34.08 -18.82
C ASP D 156 5.01 -35.18 -18.06
N LYS D 157 5.58 -35.58 -16.93
CA LYS D 157 4.91 -36.50 -16.03
C LYS D 157 3.62 -35.88 -15.50
N CYS D 158 2.65 -36.74 -15.19
CA CYS D 158 1.38 -36.30 -14.67
C CYS D 158 0.87 -37.34 -13.69
N VAL D 159 0.54 -36.91 -12.48
CA VAL D 159 0.09 -37.81 -11.42
C VAL D 159 -1.42 -37.69 -11.28
N LEU D 160 -2.13 -38.79 -11.51
CA LEU D 160 -3.57 -38.84 -11.29
C LEU D 160 -3.87 -39.67 -10.06
N ASP D 161 -5.04 -39.42 -9.48
CA ASP D 161 -5.43 -40.00 -8.20
C ASP D 161 -6.84 -40.54 -8.31
N MET D 162 -6.97 -41.87 -8.36
CA MET D 162 -8.29 -42.52 -8.34
C MET D 162 -8.68 -42.65 -6.87
N ARG D 163 -9.40 -41.65 -6.37
CA ARG D 163 -9.61 -41.51 -4.92
C ARG D 163 -10.39 -42.69 -4.35
N SER D 164 -11.49 -43.07 -5.01
CA SER D 164 -12.31 -44.17 -4.50
C SER D 164 -11.55 -45.49 -4.44
N MET D 165 -10.41 -45.60 -5.11
CA MET D 165 -9.63 -46.83 -5.16
C MET D 165 -8.28 -46.70 -4.46
N ASP D 166 -7.95 -45.53 -3.90
CA ASP D 166 -6.67 -45.30 -3.25
C ASP D 166 -5.52 -45.71 -4.16
N PHE D 167 -5.62 -45.37 -5.44
CA PHE D 167 -4.65 -45.74 -6.45
C PHE D 167 -4.16 -44.49 -7.16
N LYS D 168 -2.86 -44.24 -7.09
CA LYS D 168 -2.22 -43.16 -7.83
C LYS D 168 -1.37 -43.77 -8.94
N SER D 169 -1.24 -43.04 -10.05
CA SER D 169 -0.42 -43.52 -11.15
C SER D 169 0.17 -42.34 -11.91
N ASN D 170 1.39 -42.52 -12.39
CA ASN D 170 2.07 -41.59 -13.28
C ASN D 170 1.76 -41.92 -14.74
N SER D 171 1.81 -40.90 -15.59
CA SER D 171 1.64 -41.14 -17.02
C SER D 171 2.21 -39.97 -17.81
N ALA D 172 2.58 -40.27 -19.05
CA ALA D 172 3.03 -39.27 -20.01
C ALA D 172 2.44 -39.63 -21.37
N VAL D 173 2.11 -38.61 -22.15
CA VAL D 173 1.47 -38.80 -23.45
C VAL D 173 2.43 -38.34 -24.54
N ALA D 174 2.48 -39.10 -25.63
CA ALA D 174 3.27 -38.73 -26.79
C ALA D 174 2.46 -38.97 -28.05
N TRP D 175 2.59 -38.07 -29.01
CA TRP D 175 1.95 -38.24 -30.31
C TRP D 175 2.81 -37.59 -31.38
N SER D 176 2.42 -37.79 -32.64
CA SER D 176 3.15 -37.28 -33.78
C SER D 176 2.28 -37.37 -35.01
N ASN D 177 2.52 -36.47 -35.97
CA ASN D 177 1.86 -36.52 -37.26
C ASN D 177 2.59 -37.38 -38.27
N LYS D 178 3.87 -37.69 -38.01
CA LYS D 178 4.65 -38.49 -38.94
C LYS D 178 4.14 -39.92 -38.98
N SER D 179 4.04 -40.47 -40.19
CA SER D 179 3.53 -41.82 -40.37
C SER D 179 4.53 -42.89 -39.92
N ASP D 180 5.83 -42.58 -39.91
CA ASP D 180 6.84 -43.50 -39.42
C ASP D 180 6.86 -43.60 -37.90
N PHE D 181 6.03 -42.83 -37.20
CA PHE D 181 6.03 -42.81 -35.76
C PHE D 181 5.29 -44.02 -35.21
N ALA D 182 5.92 -44.72 -34.26
CA ALA D 182 5.32 -45.86 -33.59
C ALA D 182 5.56 -45.75 -32.09
N CYS D 183 4.61 -46.27 -31.30
CA CYS D 183 4.72 -46.16 -29.86
C CYS D 183 5.94 -46.88 -29.31
N ALA D 184 6.44 -47.89 -30.04
CA ALA D 184 7.64 -48.59 -29.58
C ALA D 184 8.84 -47.64 -29.54
N ASN D 185 8.93 -46.73 -30.52
CA ASN D 185 10.00 -45.75 -30.59
C ASN D 185 9.64 -44.42 -29.95
N ALA D 186 8.42 -44.29 -29.41
CA ALA D 186 7.96 -43.00 -28.91
C ALA D 186 8.79 -42.53 -27.73
N PHE D 187 8.80 -43.31 -26.65
CA PHE D 187 9.53 -42.96 -25.43
C PHE D 187 10.89 -43.64 -25.46
N ASN D 188 11.78 -43.08 -26.27
CA ASN D 188 13.15 -43.59 -26.39
C ASN D 188 14.19 -42.68 -25.75
N ASN D 189 13.96 -41.37 -25.74
CA ASN D 189 14.87 -40.47 -25.02
C ASN D 189 14.56 -40.47 -23.53
N SER D 190 13.29 -40.60 -23.16
CA SER D 190 12.91 -40.69 -21.75
C SER D 190 13.25 -42.07 -21.19
N ILE D 192 13.83 -45.02 -19.91
CA ILE D 192 12.79 -46.03 -19.95
C ILE D 192 13.23 -47.24 -19.14
N PRO D 193 12.28 -47.89 -18.47
CA PRO D 193 12.63 -49.08 -17.69
C PRO D 193 12.65 -50.33 -18.54
N GLU D 194 13.54 -51.26 -18.17
CA GLU D 194 13.68 -52.52 -18.90
C GLU D 194 12.48 -53.44 -18.71
N ASP D 195 11.60 -53.14 -17.76
CA ASP D 195 10.39 -53.92 -17.54
C ASP D 195 9.17 -53.34 -18.24
N THR D 196 9.36 -52.31 -19.06
CA THR D 196 8.23 -51.64 -19.70
C THR D 196 7.54 -52.58 -20.69
N PHE D 197 6.23 -52.71 -20.54
CA PHE D 197 5.42 -53.60 -21.35
C PHE D 197 5.00 -52.93 -22.65
N PHE D 198 5.25 -53.59 -23.78
CA PHE D 198 4.93 -53.09 -25.12
C PHE D 198 3.99 -54.07 -25.80
N PRO D 199 2.69 -54.04 -25.47
CA PRO D 199 1.71 -54.94 -26.07
C PRO D 199 1.56 -54.75 -27.58
N GLY E 2 -15.79 -14.78 -2.86
CA GLY E 2 -14.71 -13.90 -2.44
C GLY E 2 -14.53 -12.67 -3.30
N VAL E 3 -13.31 -12.48 -3.80
CA VAL E 3 -12.97 -11.33 -4.63
C VAL E 3 -13.31 -11.66 -6.08
N THR E 4 -13.98 -10.74 -6.75
CA THR E 4 -14.43 -10.94 -8.13
C THR E 4 -13.67 -10.01 -9.06
N GLN E 5 -12.96 -10.59 -10.03
CA GLN E 5 -12.24 -9.83 -11.05
C GLN E 5 -12.82 -10.10 -12.43
N THR E 6 -12.98 -9.03 -13.22
CA THR E 6 -13.43 -9.13 -14.60
C THR E 6 -12.65 -8.15 -15.44
N PRO E 7 -12.42 -8.46 -16.74
CA PRO E 7 -12.67 -9.78 -17.33
C PRO E 7 -11.64 -10.78 -16.85
N ARG E 8 -11.96 -12.08 -16.90
CA ARG E 8 -11.02 -13.08 -16.42
C ARG E 8 -9.92 -13.35 -17.44
N TYR E 9 -10.24 -13.25 -18.72
CA TYR E 9 -9.27 -13.40 -19.79
C TYR E 9 -9.51 -12.31 -20.82
N LEU E 10 -8.44 -11.89 -21.47
CA LEU E 10 -8.56 -10.78 -22.41
C LEU E 10 -7.37 -10.81 -23.35
N ILE E 11 -7.64 -10.65 -24.65
CA ILE E 11 -6.61 -10.49 -25.66
C ILE E 11 -6.70 -9.05 -26.17
N LYS E 12 -5.61 -8.30 -26.05
CA LYS E 12 -5.51 -6.96 -26.62
C LYS E 12 -4.31 -6.91 -27.56
N THR E 13 -4.24 -5.87 -28.37
CA THR E 13 -3.07 -5.64 -29.19
C THR E 13 -2.24 -4.49 -28.65
N ARG E 14 -0.98 -4.44 -29.05
CA ARG E 14 -0.09 -3.39 -28.62
C ARG E 14 -0.62 -2.02 -29.04
N GLY E 15 -0.59 -1.07 -28.12
CA GLY E 15 -1.13 0.25 -28.34
C GLY E 15 -2.57 0.44 -27.89
N GLN E 16 -3.28 -0.63 -27.57
CA GLN E 16 -4.66 -0.50 -27.13
C GLN E 16 -4.74 -0.23 -25.63
N GLN E 17 -5.92 0.16 -25.18
CA GLN E 17 -6.17 0.44 -23.78
C GLN E 17 -7.03 -0.68 -23.19
N VAL E 18 -6.94 -0.84 -21.87
CA VAL E 18 -7.65 -1.88 -21.17
C VAL E 18 -8.03 -1.36 -19.78
N THR E 19 -9.18 -1.82 -19.29
CA THR E 19 -9.65 -1.49 -17.95
C THR E 19 -10.09 -2.77 -17.26
N LEU E 20 -9.48 -3.06 -16.12
CA LEU E 20 -9.79 -4.24 -15.33
C LEU E 20 -10.55 -3.82 -14.09
N SER E 21 -11.48 -4.66 -13.65
CA SER E 21 -12.34 -4.34 -12.52
C SER E 21 -12.18 -5.37 -11.42
N CYS E 22 -12.34 -4.91 -10.17
CA CYS E 22 -12.16 -5.74 -8.99
C CYS E 22 -13.22 -5.35 -7.97
N SER E 23 -14.05 -6.32 -7.57
CA SER E 23 -14.97 -6.11 -6.48
C SER E 23 -14.42 -6.80 -5.23
N PRO E 24 -14.04 -6.05 -4.21
CA PRO E 24 -13.42 -6.68 -3.03
C PRO E 24 -14.43 -7.47 -2.23
N ILE E 25 -13.92 -8.21 -1.26
CA ILE E 25 -14.78 -8.89 -0.30
C ILE E 25 -15.67 -7.86 0.38
N SER E 26 -16.95 -8.19 0.50
CA SER E 26 -17.94 -7.26 1.04
C SER E 26 -17.51 -6.74 2.40
N GLY E 27 -17.42 -5.41 2.52
CA GLY E 27 -16.96 -4.77 3.72
C GLY E 27 -15.49 -4.38 3.71
N HIS E 28 -14.70 -4.96 2.82
CA HIS E 28 -13.30 -4.58 2.72
C HIS E 28 -13.19 -3.19 2.08
N ARG E 29 -12.21 -2.41 2.55
CA ARG E 29 -12.03 -1.05 2.05
C ARG E 29 -10.73 -0.84 1.29
N SER E 30 -9.76 -1.74 1.43
CA SER E 30 -8.47 -1.62 0.76
C SER E 30 -8.40 -2.60 -0.39
N VAL E 31 -8.12 -2.08 -1.58
CA VAL E 31 -7.90 -2.90 -2.78
C VAL E 31 -6.49 -2.64 -3.29
N SER E 32 -5.73 -3.71 -3.49
CA SER E 32 -4.39 -3.63 -4.05
C SER E 32 -4.37 -4.33 -5.40
N TRP E 33 -3.51 -3.86 -6.29
CA TRP E 33 -3.30 -4.49 -7.59
C TRP E 33 -1.87 -4.98 -7.68
N TYR E 34 -1.70 -6.21 -8.17
CA TYR E 34 -0.39 -6.80 -8.38
C TYR E 34 -0.31 -7.34 -9.80
N GLN E 35 0.89 -7.31 -10.35
CA GLN E 35 1.18 -7.92 -11.64
C GLN E 35 2.00 -9.18 -11.41
N GLN E 36 1.58 -10.28 -12.03
CA GLN E 36 2.22 -11.58 -11.90
C GLN E 36 2.75 -12.00 -13.27
N THR E 37 4.07 -12.04 -13.42
CA THR E 37 4.77 -12.48 -14.61
C THR E 37 5.70 -13.64 -14.27
N PRO E 38 5.98 -14.53 -15.23
CA PRO E 38 6.97 -15.58 -14.98
C PRO E 38 8.36 -14.97 -14.85
N GLY E 39 9.07 -15.35 -13.78
CA GLY E 39 10.44 -14.94 -13.57
C GLY E 39 10.63 -13.72 -12.69
N GLN E 40 9.58 -12.92 -12.49
CA GLN E 40 9.66 -11.76 -11.64
C GLN E 40 8.87 -11.90 -10.34
N GLY E 41 7.89 -12.79 -10.30
CA GLY E 41 7.04 -12.88 -9.13
C GLY E 41 6.00 -11.77 -9.07
N LEU E 42 5.52 -11.53 -7.86
CA LEU E 42 4.46 -10.55 -7.63
C LEU E 42 5.05 -9.14 -7.54
N GLN E 43 4.53 -8.23 -8.37
CA GLN E 43 4.96 -6.84 -8.40
C GLN E 43 3.81 -5.94 -8.01
N PHE E 44 4.07 -5.03 -7.07
CA PHE E 44 3.04 -4.13 -6.55
C PHE E 44 2.77 -2.98 -7.52
N LEU E 45 1.50 -2.79 -7.86
CA LEU E 45 1.10 -1.64 -8.70
C LEU E 45 0.70 -0.47 -7.82
N PHE E 46 -0.38 -0.60 -7.06
CA PHE E 46 -0.87 0.44 -6.18
C PHE E 46 -1.93 -0.15 -5.25
N GLU E 47 -2.19 0.57 -4.17
CA GLU E 47 -3.23 0.23 -3.20
C GLU E 47 -4.20 1.41 -3.10
N TYR E 48 -5.49 1.13 -3.12
CA TYR E 48 -6.53 2.14 -2.99
C TYR E 48 -7.29 1.93 -1.68
N PHE E 49 -7.57 3.03 -1.01
CA PHE E 49 -8.26 3.03 0.27
C PHE E 49 -9.03 4.33 0.38
N SER E 50 -10.31 4.24 0.76
CA SER E 50 -11.16 5.42 0.93
C SER E 50 -11.18 6.28 -0.34
N GLU E 51 -11.21 5.61 -1.50
CA GLU E 51 -11.35 6.19 -2.83
C GLU E 51 -10.12 6.96 -3.31
N THR E 52 -9.00 6.87 -2.61
CA THR E 52 -7.77 7.54 -3.05
C THR E 52 -6.63 6.52 -3.07
N GLN E 53 -5.64 6.79 -3.91
CA GLN E 53 -4.47 5.93 -3.98
C GLN E 53 -3.61 6.12 -2.73
N ARG E 54 -3.40 5.06 -1.97
CA ARG E 54 -2.64 5.16 -0.74
C ARG E 54 -1.15 4.95 -0.97
N ASN E 55 -0.78 3.88 -1.65
CA ASN E 55 0.60 3.59 -2.00
C ASN E 55 0.69 3.22 -3.47
N LYS E 56 1.91 3.34 -4.00
CA LYS E 56 2.17 3.13 -5.41
C LYS E 56 3.48 2.38 -5.55
N GLY E 57 3.56 1.50 -6.55
CA GLY E 57 4.79 0.80 -6.87
C GLY E 57 5.67 1.61 -7.79
N ASN E 58 6.46 0.90 -8.60
CA ASN E 58 7.37 1.55 -9.53
C ASN E 58 6.94 1.38 -10.99
N PHE E 59 5.64 1.21 -11.25
CA PHE E 59 5.19 0.99 -12.61
C PHE E 59 5.09 2.31 -13.37
N PRO E 60 5.20 2.28 -14.70
CA PRO E 60 5.13 3.52 -15.47
C PRO E 60 3.75 4.19 -15.35
N GLY E 61 3.71 5.46 -15.74
CA GLY E 61 2.51 6.27 -15.60
C GLY E 61 1.31 5.76 -16.38
N ARG E 62 1.54 4.96 -17.43
CA ARG E 62 0.41 4.45 -18.21
C ARG E 62 -0.42 3.45 -17.44
N PHE E 63 0.11 2.90 -16.34
CA PHE E 63 -0.68 2.14 -15.39
C PHE E 63 -1.35 3.11 -14.43
N SER E 64 -2.67 3.06 -14.35
CA SER E 64 -3.40 3.94 -13.44
C SER E 64 -4.55 3.15 -12.85
N GLY E 65 -5.05 3.64 -11.72
CA GLY E 65 -6.11 2.97 -11.00
C GLY E 65 -7.11 3.95 -10.43
N ARG E 66 -8.11 3.40 -9.75
CA ARG E 66 -9.27 4.15 -9.29
C ARG E 66 -10.03 3.27 -8.30
N GLN E 67 -10.64 3.91 -7.31
CA GLN E 67 -11.53 3.21 -6.39
C GLN E 67 -12.80 4.04 -6.22
N PHE E 68 -13.95 3.38 -6.30
CA PHE E 68 -15.25 4.01 -6.19
C PHE E 68 -15.76 3.96 -4.74
N SER E 69 -16.92 4.58 -4.52
CA SER E 69 -17.44 4.69 -3.16
C SER E 69 -17.91 3.37 -2.58
N ASN E 70 -18.25 2.38 -3.42
CA ASN E 70 -18.57 1.05 -2.94
C ASN E 70 -17.34 0.15 -2.83
N SER E 71 -16.14 0.76 -2.80
CA SER E 71 -14.84 0.12 -2.70
C SER E 71 -14.45 -0.71 -3.93
N ARG E 72 -15.33 -0.83 -4.93
CA ARG E 72 -14.91 -1.44 -6.18
C ARG E 72 -13.78 -0.61 -6.79
N SER E 73 -12.81 -1.29 -7.39
CA SER E 73 -11.63 -0.62 -7.93
C SER E 73 -11.42 -0.99 -9.39
N GLU E 74 -10.90 -0.05 -10.15
CA GLU E 74 -10.58 -0.26 -11.55
C GLU E 74 -9.11 0.02 -11.79
N MET E 75 -8.52 -0.75 -12.67
CA MET E 75 -7.14 -0.60 -13.07
C MET E 75 -7.11 -0.38 -14.57
N ASN E 76 -6.29 0.56 -15.03
CA ASN E 76 -6.28 0.93 -16.43
C ASN E 76 -4.84 1.00 -16.94
N VAL E 77 -4.63 0.51 -18.16
CA VAL E 77 -3.39 0.71 -18.91
C VAL E 77 -3.76 1.44 -20.19
N SER E 78 -3.23 2.64 -20.38
CA SER E 78 -3.68 3.50 -21.48
C SER E 78 -3.09 3.07 -22.81
N THR E 79 -1.88 2.51 -22.80
CA THR E 79 -1.20 2.12 -24.03
C THR E 79 -0.41 0.85 -23.71
N LEU E 80 -0.88 -0.28 -24.22
CA LEU E 80 -0.33 -1.57 -23.83
C LEU E 80 0.94 -1.90 -24.61
N GLU E 81 1.90 -2.49 -23.92
CA GLU E 81 3.10 -3.05 -24.52
C GLU E 81 3.02 -4.57 -24.46
N LEU E 82 3.76 -5.21 -25.37
CA LEU E 82 3.86 -6.67 -25.38
C LEU E 82 4.24 -7.22 -24.01
N GLY E 83 5.17 -6.54 -23.33
CA GLY E 83 5.62 -6.96 -22.02
C GLY E 83 4.61 -6.77 -20.91
N ASP E 84 3.44 -6.20 -21.20
CA ASP E 84 2.40 -6.08 -20.18
C ASP E 84 1.57 -7.35 -20.05
N SER E 85 1.81 -8.36 -20.89
CA SER E 85 1.12 -9.63 -20.77
C SER E 85 1.44 -10.27 -19.43
N ALA E 86 0.40 -10.57 -18.66
CA ALA E 86 0.59 -11.01 -17.28
C ALA E 86 -0.76 -11.38 -16.69
N LEU E 87 -0.72 -12.01 -15.53
CA LEU E 87 -1.90 -12.18 -14.69
C LEU E 87 -1.99 -10.98 -13.76
N TYR E 88 -3.05 -10.19 -13.88
CA TYR E 88 -3.22 -9.00 -13.05
C TYR E 88 -4.14 -9.35 -11.89
N LEU E 89 -3.58 -9.31 -10.68
CA LEU E 89 -4.24 -9.77 -9.47
C LEU E 89 -4.65 -8.58 -8.62
N CYS E 90 -5.86 -8.62 -8.09
CA CYS E 90 -6.24 -7.67 -7.06
C CYS E 90 -6.46 -8.40 -5.74
N ALA E 91 -6.12 -7.72 -4.65
CA ALA E 91 -6.23 -8.26 -3.31
C ALA E 91 -6.94 -7.26 -2.43
N SER E 92 -7.81 -7.76 -1.55
CA SER E 92 -8.56 -6.89 -0.66
C SER E 92 -8.27 -7.24 0.79
N SER E 93 -8.30 -6.21 1.65
CA SER E 93 -8.20 -6.39 3.09
C SER E 93 -9.13 -5.38 3.75
N LEU E 94 -9.57 -5.73 4.97
CA LEU E 94 -10.48 -4.85 5.70
C LEU E 94 -9.89 -3.45 5.83
N ARG E 95 -8.65 -3.37 6.27
CA ARG E 95 -7.99 -2.10 6.56
C ARG E 95 -6.82 -1.91 5.62
N ALA E 96 -6.26 -0.69 5.64
CA ALA E 96 -5.17 -0.33 4.76
C ALA E 96 -3.86 -0.96 5.20
N GLU E 97 -3.00 -1.25 4.22
CA GLU E 97 -1.62 -1.67 4.47
C GLU E 97 -1.57 -2.97 5.29
N SER E 98 -2.51 -3.87 5.03
CA SER E 98 -2.55 -5.14 5.72
C SER E 98 -1.66 -6.16 5.02
N GLY E 99 -1.02 -7.02 5.81
CA GLY E 99 -0.27 -8.14 5.29
C GLY E 99 -1.11 -9.37 4.99
N GLU E 100 -2.36 -9.40 5.46
CA GLU E 100 -3.29 -10.50 5.24
C GLU E 100 -4.23 -10.10 4.10
N LEU E 101 -3.91 -10.56 2.89
CA LEU E 101 -4.61 -10.19 1.68
C LEU E 101 -5.46 -11.35 1.16
N PHE E 102 -6.57 -11.01 0.54
CA PHE E 102 -7.47 -11.96 -0.09
C PHE E 102 -7.48 -11.67 -1.59
N PHE E 103 -6.90 -12.58 -2.37
CA PHE E 103 -6.70 -12.35 -3.80
C PHE E 103 -7.88 -12.88 -4.61
N GLY E 104 -8.22 -12.14 -5.67
CA GLY E 104 -9.09 -12.66 -6.70
C GLY E 104 -8.36 -13.65 -7.59
N GLU E 105 -9.10 -14.24 -8.52
CA GLU E 105 -8.50 -15.23 -9.42
C GLU E 105 -7.70 -14.59 -10.54
N GLY E 106 -7.73 -13.28 -10.67
CA GLY E 106 -6.88 -12.59 -11.62
C GLY E 106 -7.55 -12.38 -12.97
N SER E 107 -7.03 -11.38 -13.68
CA SER E 107 -7.34 -11.14 -15.09
C SER E 107 -6.12 -11.55 -15.90
N ARG E 108 -6.28 -12.52 -16.78
CA ARG E 108 -5.18 -13.00 -17.61
C ARG E 108 -5.18 -12.20 -18.89
N LEU E 109 -4.26 -11.24 -18.97
CA LEU E 109 -4.16 -10.32 -20.10
C LEU E 109 -3.01 -10.76 -20.99
N THR E 110 -3.33 -11.10 -22.23
CA THR E 110 -2.33 -11.38 -23.24
C THR E 110 -2.35 -10.24 -24.24
N VAL E 111 -1.20 -9.58 -24.41
CA VAL E 111 -1.06 -8.50 -25.37
C VAL E 111 -0.30 -9.03 -26.57
N LEU E 112 -0.88 -8.87 -27.76
CA LEU E 112 -0.31 -9.39 -28.99
C LEU E 112 0.01 -8.25 -29.95
N GLU E 113 0.94 -8.51 -30.86
CA GLU E 113 1.13 -7.56 -31.96
C GLU E 113 0.00 -7.63 -32.97
N ASP E 114 -0.66 -8.78 -33.07
CA ASP E 114 -1.54 -9.06 -34.20
C ASP E 114 -2.50 -10.19 -33.81
N LEU E 115 -3.76 -10.05 -34.21
CA LEU E 115 -4.79 -11.03 -33.86
C LEU E 115 -4.91 -12.16 -34.88
N ASN E 116 -4.22 -12.07 -36.01
CA ASN E 116 -4.20 -13.18 -36.97
C ASN E 116 -3.54 -14.43 -36.40
N LYS E 117 -2.92 -14.34 -35.23
CA LYS E 117 -2.25 -15.46 -34.60
C LYS E 117 -3.14 -16.22 -33.62
N VAL E 118 -4.38 -15.78 -33.44
CA VAL E 118 -5.27 -16.37 -32.44
C VAL E 118 -6.03 -17.54 -33.06
N PHE E 119 -5.97 -18.72 -32.40
CA PHE E 119 -6.61 -19.95 -32.88
C PHE E 119 -7.28 -20.67 -31.73
N PRO E 120 -8.51 -21.16 -31.92
CA PRO E 120 -9.12 -22.03 -30.93
C PRO E 120 -8.49 -23.41 -30.97
N PRO E 121 -8.68 -24.22 -29.94
CA PRO E 121 -8.10 -25.57 -29.96
C PRO E 121 -8.96 -26.55 -30.74
N GLU E 122 -8.30 -27.56 -31.27
CA GLU E 122 -8.98 -28.76 -31.74
C GLU E 122 -8.87 -29.81 -30.65
N VAL E 123 -9.97 -30.47 -30.34
CA VAL E 123 -10.04 -31.38 -29.20
C VAL E 123 -10.38 -32.78 -29.70
N ALA E 124 -9.62 -33.77 -29.26
CA ALA E 124 -9.85 -35.16 -29.61
C ALA E 124 -9.78 -36.02 -28.36
N VAL E 125 -10.62 -37.03 -28.30
CA VAL E 125 -10.61 -38.02 -27.22
C VAL E 125 -10.13 -39.35 -27.78
N PHE E 126 -9.15 -39.94 -27.13
CA PHE E 126 -8.58 -41.23 -27.52
C PHE E 126 -9.04 -42.30 -26.54
N GLU E 127 -9.66 -43.36 -27.07
CA GLU E 127 -10.28 -44.37 -26.24
C GLU E 127 -9.21 -45.26 -25.60
N PRO E 128 -9.53 -45.87 -24.45
CA PRO E 128 -8.54 -46.69 -23.74
C PRO E 128 -8.04 -47.86 -24.58
N SER E 129 -6.83 -48.30 -24.27
CA SER E 129 -6.25 -49.46 -24.92
C SER E 129 -6.84 -50.74 -24.34
N GLU E 130 -7.21 -51.67 -25.22
CA GLU E 130 -7.67 -52.98 -24.76
C GLU E 130 -6.58 -53.68 -23.98
N ALA E 131 -5.31 -53.47 -24.35
CA ALA E 131 -4.21 -54.04 -23.60
C ALA E 131 -4.19 -53.51 -22.17
N GLU E 132 -4.38 -52.20 -21.99
CA GLU E 132 -4.42 -51.64 -20.64
C GLU E 132 -5.59 -52.20 -19.85
N ILE E 133 -6.75 -52.34 -20.49
CA ILE E 133 -7.93 -52.82 -19.79
C ILE E 133 -7.73 -54.27 -19.34
N SER E 134 -6.95 -55.05 -20.07
CA SER E 134 -6.67 -56.43 -19.69
C SER E 134 -5.53 -56.55 -18.68
N HIS E 135 -4.46 -55.78 -18.87
CA HIS E 135 -3.27 -55.93 -18.04
C HIS E 135 -3.45 -55.30 -16.66
N THR E 136 -4.30 -54.27 -16.54
CA THR E 136 -4.43 -53.53 -15.29
C THR E 136 -5.85 -53.43 -14.75
N GLN E 137 -6.86 -53.87 -15.51
CA GLN E 137 -8.26 -53.69 -15.13
C GLN E 137 -8.60 -52.21 -14.93
N LYS E 138 -7.89 -51.33 -15.63
CA LYS E 138 -8.14 -49.91 -15.61
C LYS E 138 -8.16 -49.39 -17.03
N ALA E 139 -8.87 -48.28 -17.25
CA ALA E 139 -9.08 -47.72 -18.57
C ALA E 139 -8.76 -46.22 -18.54
N THR E 140 -7.78 -45.81 -19.33
CA THR E 140 -7.35 -44.42 -19.38
C THR E 140 -7.83 -43.79 -20.67
N LEU E 141 -8.64 -42.74 -20.56
CA LEU E 141 -8.96 -41.91 -21.69
C LEU E 141 -7.97 -40.74 -21.72
N VAL E 142 -7.53 -40.38 -22.93
CA VAL E 142 -6.62 -39.27 -23.13
C VAL E 142 -7.31 -38.23 -23.98
N CYS E 143 -7.19 -36.97 -23.59
CA CYS E 143 -7.75 -35.86 -24.32
C CYS E 143 -6.63 -34.95 -24.81
N LEU E 144 -6.67 -34.60 -26.10
CA LEU E 144 -5.68 -33.74 -26.71
C LEU E 144 -6.36 -32.47 -27.22
N ALA E 145 -5.92 -31.32 -26.69
CA ALA E 145 -6.26 -30.02 -27.23
C ALA E 145 -5.02 -29.46 -27.92
N THR E 146 -5.12 -29.15 -29.21
CA THR E 146 -3.96 -28.80 -30.00
C THR E 146 -4.22 -27.57 -30.84
N GLY E 147 -3.15 -26.86 -31.16
CA GLY E 147 -3.17 -25.74 -32.09
C GLY E 147 -3.89 -24.49 -31.62
N PHE E 148 -3.84 -24.18 -30.33
CA PHE E 148 -4.51 -23.00 -29.82
C PHE E 148 -3.50 -21.92 -29.43
N PHE E 149 -3.93 -20.67 -29.55
CA PHE E 149 -3.12 -19.53 -29.15
C PHE E 149 -4.03 -18.34 -28.88
N PRO E 150 -3.83 -17.62 -27.77
CA PRO E 150 -2.80 -17.86 -26.76
C PRO E 150 -3.18 -18.96 -25.78
N ASP E 151 -2.47 -19.03 -24.65
CA ASP E 151 -2.71 -20.06 -23.65
C ASP E 151 -3.86 -19.62 -22.74
N HIS E 152 -5.06 -19.62 -23.32
CA HIS E 152 -6.28 -19.22 -22.62
C HIS E 152 -7.30 -20.34 -22.64
N VAL E 153 -6.97 -21.47 -22.01
CA VAL E 153 -7.82 -22.66 -22.07
C VAL E 153 -8.07 -23.17 -20.66
N GLU E 154 -9.24 -23.79 -20.49
CA GLU E 154 -9.59 -24.49 -19.26
C GLU E 154 -10.19 -25.82 -19.66
N LEU E 155 -9.49 -26.90 -19.33
CA LEU E 155 -9.90 -28.25 -19.69
C LEU E 155 -10.60 -28.91 -18.52
N SER E 156 -11.71 -29.59 -18.80
CA SER E 156 -12.48 -30.28 -17.79
C SER E 156 -13.03 -31.58 -18.37
N TRP E 157 -13.25 -32.56 -17.48
CA TRP E 157 -13.77 -33.86 -17.84
C TRP E 157 -15.20 -34.00 -17.33
N TRP E 158 -16.09 -34.51 -18.18
CA TRP E 158 -17.51 -34.65 -17.84
C TRP E 158 -17.94 -36.08 -18.08
N VAL E 159 -18.39 -36.75 -17.03
CA VAL E 159 -18.86 -38.12 -17.09
C VAL E 159 -20.35 -38.13 -16.78
N ASN E 160 -21.16 -38.56 -17.75
CA ASN E 160 -22.61 -38.63 -17.61
C ASN E 160 -23.20 -37.28 -17.20
N GLY E 161 -22.62 -36.20 -17.74
CA GLY E 161 -23.12 -34.87 -17.48
C GLY E 161 -22.63 -34.23 -16.21
N LYS E 162 -21.77 -34.89 -15.45
CA LYS E 162 -21.21 -34.34 -14.22
C LYS E 162 -19.70 -34.20 -14.36
N GLU E 163 -19.17 -33.04 -13.99
CA GLU E 163 -17.73 -32.82 -14.06
C GLU E 163 -17.03 -33.64 -12.98
N VAL E 164 -16.00 -34.38 -13.37
CA VAL E 164 -15.26 -35.22 -12.45
C VAL E 164 -13.86 -34.64 -12.27
N HIS E 165 -13.25 -34.99 -11.14
CA HIS E 165 -11.88 -34.58 -10.85
C HIS E 165 -11.04 -35.78 -10.45
N SER E 166 -11.69 -36.81 -9.90
CA SER E 166 -10.97 -37.98 -9.44
C SER E 166 -10.45 -38.79 -10.63
N GLY E 167 -9.17 -39.17 -10.56
CA GLY E 167 -8.58 -39.91 -11.65
C GLY E 167 -8.23 -39.08 -12.86
N VAL E 168 -8.17 -37.76 -12.71
CA VAL E 168 -7.87 -36.84 -13.79
C VAL E 168 -6.47 -36.26 -13.58
N CYS E 169 -5.70 -36.16 -14.66
CA CYS E 169 -4.45 -35.41 -14.63
C CYS E 169 -4.32 -34.61 -15.92
N THR E 170 -4.22 -33.29 -15.77
CA THR E 170 -4.03 -32.36 -16.88
C THR E 170 -2.64 -31.74 -16.79
N ASP E 171 -1.97 -31.66 -17.92
CA ASP E 171 -0.63 -31.07 -17.96
C ASP E 171 -0.65 -29.68 -17.34
N PRO E 172 0.17 -29.41 -16.33
CA PRO E 172 0.19 -28.06 -15.74
C PRO E 172 0.62 -26.98 -16.72
N GLN E 173 1.37 -27.31 -17.77
CA GLN E 173 1.78 -26.32 -18.76
C GLN E 173 1.69 -26.93 -20.16
N PRO E 174 1.30 -26.13 -21.16
CA PRO E 174 1.15 -26.66 -22.51
C PRO E 174 2.48 -26.89 -23.20
N LEU E 175 2.43 -27.67 -24.26
CA LEU E 175 3.57 -27.85 -25.16
C LEU E 175 3.48 -26.86 -26.31
N LYS E 176 4.64 -26.38 -26.76
CA LYS E 176 4.69 -25.46 -27.89
C LYS E 176 4.88 -26.26 -29.18
N GLU E 177 3.92 -26.13 -30.09
CA GLU E 177 4.00 -26.85 -31.36
C GLU E 177 5.16 -26.36 -32.22
N GLN E 178 5.68 -25.17 -31.94
CA GLN E 178 6.90 -24.66 -32.55
C GLN E 178 7.75 -24.04 -31.45
N PRO E 179 8.61 -24.84 -30.80
CA PRO E 179 9.23 -24.40 -29.54
C PRO E 179 10.08 -23.14 -29.65
N ALA E 180 10.40 -22.66 -30.85
CA ALA E 180 11.23 -21.47 -30.98
C ALA E 180 10.40 -20.18 -31.00
N LEU E 181 9.32 -20.17 -31.78
CA LEU E 181 8.49 -18.98 -31.88
C LEU E 181 7.78 -18.68 -30.57
N ASN E 182 7.67 -17.40 -30.24
CA ASN E 182 6.86 -16.99 -29.09
C ASN E 182 5.38 -16.89 -29.44
N ASP E 183 5.05 -16.79 -30.72
CA ASP E 183 3.68 -16.88 -31.19
C ASP E 183 3.24 -18.31 -31.46
N SER E 184 4.01 -19.29 -31.00
CA SER E 184 3.73 -20.68 -31.31
C SER E 184 2.39 -21.11 -30.74
N ARG E 185 1.64 -21.86 -31.53
CA ARG E 185 0.42 -22.48 -31.04
C ARG E 185 0.77 -23.57 -30.03
N TYR E 186 -0.21 -23.89 -29.17
CA TYR E 186 0.01 -24.76 -28.03
C TYR E 186 -0.73 -26.08 -28.18
N ALA E 187 -0.28 -27.06 -27.41
CA ALA E 187 -0.97 -28.33 -27.25
C ALA E 187 -1.04 -28.67 -25.76
N LEU E 188 -2.14 -29.30 -25.37
CA LEU E 188 -2.37 -29.69 -23.98
C LEU E 188 -3.03 -31.05 -23.94
N SER E 189 -2.59 -31.91 -23.02
CA SER E 189 -3.16 -33.24 -22.88
C SER E 189 -3.70 -33.44 -21.47
N SER E 190 -4.63 -34.38 -21.36
CA SER E 190 -5.22 -34.74 -20.09
C SER E 190 -5.57 -36.22 -20.10
N ARG E 191 -5.57 -36.83 -18.93
CA ARG E 191 -5.95 -38.24 -18.79
C ARG E 191 -7.09 -38.36 -17.78
N LEU E 192 -8.04 -39.24 -18.09
CA LEU E 192 -9.08 -39.64 -17.15
C LEU E 192 -9.05 -41.16 -17.05
N ARG E 193 -8.72 -41.67 -15.86
CA ARG E 193 -8.61 -43.10 -15.63
C ARG E 193 -9.78 -43.57 -14.78
N VAL E 194 -10.47 -44.59 -15.26
CA VAL E 194 -11.59 -45.20 -14.56
C VAL E 194 -11.34 -46.71 -14.48
N SER E 195 -12.15 -47.39 -13.69
CA SER E 195 -12.07 -48.84 -13.64
C SER E 195 -12.45 -49.43 -14.99
N ALA E 196 -11.88 -50.60 -15.29
CA ALA E 196 -12.22 -51.27 -16.55
C ALA E 196 -13.70 -51.57 -16.62
N THR E 197 -14.31 -51.92 -15.49
CA THR E 197 -15.74 -52.22 -15.49
C THR E 197 -16.56 -50.97 -15.84
N PHE E 198 -16.15 -49.81 -15.31
CA PHE E 198 -16.90 -48.59 -15.58
C PHE E 198 -16.82 -48.19 -17.05
N TRP E 199 -15.68 -48.44 -17.70
CA TRP E 199 -15.54 -48.09 -19.12
C TRP E 199 -16.34 -49.03 -20.00
N GLN E 200 -16.42 -50.31 -19.63
CA GLN E 200 -17.07 -51.31 -20.47
C GLN E 200 -18.58 -51.22 -20.44
N ASN E 201 -19.15 -50.30 -19.66
CA ASN E 201 -20.59 -50.02 -19.71
C ASN E 201 -20.84 -49.01 -20.82
N PRO E 202 -21.45 -49.42 -21.93
CA PRO E 202 -21.66 -48.51 -23.06
C PRO E 202 -22.68 -47.42 -22.81
N ARG E 203 -23.31 -47.37 -21.63
CA ARG E 203 -24.21 -46.29 -21.31
C ARG E 203 -23.51 -45.10 -20.66
N ASN E 204 -22.29 -45.28 -20.19
CA ASN E 204 -21.53 -44.20 -19.56
C ASN E 204 -21.01 -43.23 -20.63
N HIS E 205 -21.18 -41.94 -20.37
CA HIS E 205 -20.86 -40.89 -21.34
C HIS E 205 -19.64 -40.10 -20.85
N PHE E 206 -18.59 -40.09 -21.67
CA PHE E 206 -17.34 -39.40 -21.36
C PHE E 206 -17.15 -38.24 -22.32
N ARG E 207 -16.93 -37.04 -21.78
CA ARG E 207 -16.70 -35.85 -22.59
C ARG E 207 -15.52 -35.05 -22.05
N CYS E 208 -14.60 -34.70 -22.94
CA CYS E 208 -13.52 -33.77 -22.64
C CYS E 208 -13.92 -32.39 -23.14
N GLN E 209 -13.86 -31.39 -22.26
CA GLN E 209 -14.43 -30.08 -22.51
C GLN E 209 -13.34 -29.03 -22.32
N VAL E 210 -13.07 -28.25 -23.37
CA VAL E 210 -12.01 -27.25 -23.33
C VAL E 210 -12.62 -25.89 -23.60
N GLN E 211 -12.71 -25.06 -22.55
CA GLN E 211 -13.17 -23.69 -22.69
C GLN E 211 -12.01 -22.84 -23.20
N PHE E 212 -12.21 -22.20 -24.35
CA PHE E 212 -11.24 -21.30 -24.94
C PHE E 212 -11.72 -19.86 -24.80
N TYR E 213 -10.83 -18.98 -24.35
CA TYR E 213 -11.10 -17.55 -24.24
C TYR E 213 -10.33 -16.84 -25.34
N GLY E 214 -11.06 -16.31 -26.32
CA GLY E 214 -10.43 -15.70 -27.47
C GLY E 214 -10.77 -14.24 -27.66
N LEU E 215 -11.29 -13.90 -28.83
CA LEU E 215 -11.60 -12.52 -29.15
C LEU E 215 -12.99 -12.15 -28.67
N SER E 216 -13.18 -10.85 -28.41
CA SER E 216 -14.47 -10.32 -28.04
C SER E 216 -15.25 -9.91 -29.29
N GLU E 217 -16.52 -9.55 -29.07
CA GLU E 217 -17.36 -9.08 -30.17
C GLU E 217 -16.85 -7.76 -30.73
N ASN E 218 -16.25 -6.92 -29.89
CA ASN E 218 -15.73 -5.62 -30.32
C ASN E 218 -14.46 -5.75 -31.15
N ASP E 219 -13.76 -6.88 -31.07
CA ASP E 219 -12.56 -7.06 -31.89
C ASP E 219 -12.92 -7.21 -33.36
N GLU E 220 -12.17 -6.53 -34.22
CA GLU E 220 -12.41 -6.62 -35.65
C GLU E 220 -11.77 -7.88 -36.20
N TRP E 221 -12.40 -8.45 -37.23
CA TRP E 221 -11.92 -9.67 -37.86
C TRP E 221 -12.22 -9.62 -39.35
N THR E 222 -11.17 -9.81 -40.17
CA THR E 222 -11.30 -9.76 -41.62
C THR E 222 -10.66 -10.97 -42.30
N GLN E 223 -10.22 -11.96 -41.55
CA GLN E 223 -9.67 -13.17 -42.14
C GLN E 223 -10.80 -14.03 -42.71
N ASP E 224 -10.43 -15.03 -43.50
CA ASP E 224 -11.43 -15.90 -44.11
C ASP E 224 -11.99 -16.90 -43.09
N ARG E 225 -11.11 -17.49 -42.27
CA ARG E 225 -11.54 -18.47 -41.29
C ARG E 225 -12.41 -17.81 -40.21
N ALA E 226 -13.11 -18.65 -39.46
CA ALA E 226 -14.02 -18.16 -38.43
C ALA E 226 -13.28 -17.35 -37.38
N LYS E 227 -13.95 -16.33 -36.86
CA LYS E 227 -13.36 -15.45 -35.87
C LYS E 227 -13.09 -16.22 -34.58
N PRO E 228 -11.85 -16.29 -34.11
CA PRO E 228 -11.55 -17.11 -32.93
C PRO E 228 -12.08 -16.49 -31.63
N VAL E 229 -13.39 -16.54 -31.45
CA VAL E 229 -14.04 -15.96 -30.28
C VAL E 229 -13.99 -16.94 -29.12
N THR E 230 -14.38 -16.49 -27.94
CA THR E 230 -14.53 -17.36 -26.79
C THR E 230 -15.53 -18.47 -27.10
N GLN E 231 -15.10 -19.72 -26.94
CA GLN E 231 -15.93 -20.84 -27.31
C GLN E 231 -15.51 -22.07 -26.54
N ILE E 232 -16.37 -23.08 -26.56
CA ILE E 232 -16.11 -24.38 -25.96
C ILE E 232 -15.96 -25.38 -27.09
N VAL E 233 -14.83 -26.08 -27.10
CA VAL E 233 -14.58 -27.16 -28.05
C VAL E 233 -14.45 -28.44 -27.26
N SER E 234 -15.12 -29.49 -27.71
CA SER E 234 -15.22 -30.72 -26.94
C SER E 234 -15.14 -31.93 -27.84
N ALA E 235 -14.88 -33.08 -27.22
CA ALA E 235 -14.90 -34.38 -27.86
C ALA E 235 -15.41 -35.37 -26.83
N GLU E 236 -15.92 -36.50 -27.31
CA GLU E 236 -16.63 -37.43 -26.44
C GLU E 236 -16.39 -38.87 -26.85
N ALA E 237 -16.71 -39.78 -25.92
CA ALA E 237 -16.65 -41.22 -26.15
C ALA E 237 -17.66 -41.89 -25.22
N TRP E 238 -18.06 -43.11 -25.57
CA TRP E 238 -19.10 -43.81 -24.85
C TRP E 238 -18.67 -45.12 -24.21
N GLY E 239 -17.79 -45.87 -24.82
CA GLY E 239 -17.39 -47.14 -24.21
C GLY E 239 -17.99 -48.33 -24.92
N ARG E 240 -17.20 -49.39 -25.08
CA ARG E 240 -17.60 -50.56 -25.85
C ARG E 240 -17.76 -51.76 -24.94
N ALA E 241 -18.31 -52.83 -25.51
CA ALA E 241 -18.50 -54.08 -24.79
C ALA E 241 -17.24 -54.93 -24.87
C1 NAG F . 19.22 30.78 29.39
C2 NAG F . 20.28 29.73 29.07
C3 NAG F . 20.74 29.04 30.37
C4 NAG F . 21.19 30.08 31.40
C5 NAG F . 20.11 31.14 31.60
C6 NAG F . 20.55 32.28 32.48
C7 NAG F . 20.26 28.64 26.88
C8 NAG F . 19.62 27.58 26.03
N2 NAG F . 19.79 28.75 28.13
O3 NAG F . 21.82 28.17 30.07
O4 NAG F . 21.47 29.44 32.63
O5 NAG F . 19.74 31.72 30.34
O6 NAG F . 21.70 32.91 31.95
O7 NAG F . 21.15 29.36 26.46
C ACT G . -12.46 46.63 -8.08
O ACT G . -12.89 47.05 -6.97
OXT ACT G . -11.72 47.23 -8.91
CH3 ACT G . -12.90 45.19 -8.51
C1 NAG H . -15.26 16.90 -0.73
C2 NAG H . -14.48 15.86 -1.54
C3 NAG H . -14.21 16.39 -2.94
C4 NAG H . -15.52 16.80 -3.61
C5 NAG H . -16.31 17.77 -2.72
C6 NAG H . -17.69 18.06 -3.25
C7 NAG H . -13.09 14.33 -0.21
C8 NAG H . -11.74 14.09 0.39
N2 NAG H . -13.24 15.48 -0.89
O3 NAG H . -13.56 15.39 -3.72
O4 NAG H . -15.26 17.43 -4.86
O5 NAG H . -16.48 17.21 -1.40
O6 NAG H . -18.31 19.14 -2.54
O7 NAG H . -14.01 13.53 -0.10
C ACT I . -12.17 33.25 0.29
O ACT I . -11.74 33.17 -0.91
OXT ACT I . -11.57 32.92 1.35
CH3 ACT I . -13.64 33.79 0.48
C1 GOL J . -8.52 12.77 4.48
O1 GOL J . -8.29 13.85 3.60
C2 GOL J . -7.99 13.25 5.86
O2 GOL J . -8.98 13.23 6.83
C3 GOL J . -6.84 12.29 6.14
O3 GOL J . -6.21 12.05 4.92
C ACT K . 1.83 -1.38 1.17
O ACT K . 2.71 -1.34 0.27
OXT ACT K . 0.82 -2.14 1.28
CH3 ACT K . 1.99 -0.34 2.33
C ACT L . 3.88 4.00 -23.56
O ACT L . 3.38 4.89 -24.32
OXT ACT L . 4.03 2.76 -23.78
CH3 ACT L . 4.39 4.48 -22.18
#